data_3J9F
#
_entry.id   3J9F
#
_cell.length_a   1
_cell.length_b   1
_cell.length_c   1
_cell.angle_alpha   90
_cell.angle_beta   90
_cell.angle_gamma   90
#
_symmetry.space_group_name_H-M   'P 1'
#
loop_
_entity.id
_entity.type
_entity.pdbx_description
1 polymer 'Protein VP1'
2 polymer 'Protein VP2'
3 polymer 'Protein VP3'
4 polymer 'Protein VP4'
5 polymer 'Poliovirus receptor'
6 polymer 'Poliovirus receptor'
7 polymer 'Poliovirus receptor'
8 branched beta-D-mannopyranose-(1-4)-2-acetamido-2-deoxy-beta-D-glucopyranose-(1-4)-2-acetamido-2-deoxy-beta-D-glucopyranose
9 branched alpha-D-mannopyranose-(1-3)-beta-D-mannopyranose-(1-4)-2-acetamido-2-deoxy-beta-D-glucopyranose-(1-4)-[alpha-L-fucopyranose-(1-6)]2-acetamido-2-deoxy-beta-D-glucopyranose
10 branched 2-acetamido-2-deoxy-beta-D-glucopyranose-(1-4)-2-acetamido-2-deoxy-beta-D-glucopyranose
11 branched beta-D-mannopyranose-(1-4)-2-acetamido-2-deoxy-beta-D-glucopyranose-(1-4)-[alpha-L-fucopyranose-(1-6)]2-acetamido-2-deoxy-beta-D-glucopyranose
12 non-polymer 'PALMITIC ACID'
13 non-polymer 2-acetamido-2-deoxy-beta-D-glucopyranose
#
loop_
_entity_poly.entity_id
_entity_poly.type
_entity_poly.pdbx_seq_one_letter_code
_entity_poly.pdbx_strand_id
1 'polypeptide(L)'
;GLGQMLESMIDNTVRETVGAATSRDALPNTEASGPTHSKEIPALTAVETGATNPLVPSDTVQTRHVVQHRSRSESSIESF
FARGACVTIMTVDNPASTTNKDKLFAVWKITYKDTVQLRRKLEFFTYSRFDMELTFVVTANFTETNNGHALNQVYQIMYV
PPGAPVPEKWDDYTWQTSSNPSIFYTYGTAPARISVPYVGISNAYSHFYDGFSKVPLKDQSAALGDSLYGAASLNDFGIL
AVRVVNDHNPTKVTSKIRVYLKPKHIRVWCPRPPRAVAYYGPGVDYKDGTLTPLSTKDLTTY
;
1
2 'polypeptide(L)'
;SPNIEACGYSDRVLQLTLGNSTITTQEAANSVVAYGRWPEYLRDSEANPVDQPTEPDVAACRFYTLDTVSWTKESRGWWW
KLPDALRDMGLFGQNMYYHYLGRSGYTVHVQCNASKFHQGALGVFAVPEMCLAGDSNTTTMHTSYQNANPGEKGGTFTGT
FTPDNNQTSPARRFCPVDYLLGNGTLLGNAFVFPHQIINLRTNNCATLVLPYVNSLSIDSMVKHNNWGIAILPLAPLNFA
SESSPEIPITLTIAPMCCEFNGLRNITLPRLQ
;
2
3 'polypeptide(L)'
;GLPVMNTPGSNQYLTADNFQSPCALPEFDVTPPIDIPGEVKNMMELAEIDTMIPFDLSATKKNTMEMYRVRLSDKPHTDD
PILCLSLSPASDPRLSHTMLGEILNYYTHWAGSLKFTFLFCGSMMATGKLLVSYAPPGADPPKKRKEAMLGTHVIWDIGL
QSSCTMVVPWISNTTYRQTIDDSFTEGGYISVFYQTRIVVPLSTPREMDILGFVSACNDFSVRLLRDTTHIEQKALAQ
;
3
4 'polypeptide(L)' (MYR)GAQVSSQKVGAHENSNRAYGGSTINYTTINYYRDSASNAASKQDFSQDPSKFTEPIKDVLIKTAPMLN 4
5 'polypeptide(L)'
;DVVVQAPTQVPGFLGDSVTLPCYLQVPNMEVTHVSQLTWARHGESGSMAVFHQTQGPSYSESKRLEFVAARLGAELRNAS
LRMFGLRVEDEGNYTCLFVTFPQGSRSVDIWLRVLA
;
7
6 'polypeptide(L)'
;LAKPQNTAEVQKVQLTGEPVPMARCVSTGGRPPAQITWHSDLGGMPNTSQVPGFLSGTVTVTSLWILVPSSQVDGKNVTC
KVEHESFEKPQLLTVNLTVYYP
;
8
7 'polypeptide(L)'
;YPPEVSISGYDNNWYLGQNEATLTCDARSNPEPTGYNWSTTMGPLPPFAVAQGAQLLIRPVDKPINTTLICNVTNALGAR
QAELTVQVKEGP
;
9
#
loop_
_chem_comp.id
_chem_comp.type
_chem_comp.name
_chem_comp.formula
BMA D-saccharide, beta linking beta-D-mannopyranose 'C6 H12 O6'
FUC L-saccharide, alpha linking alpha-L-fucopyranose 'C6 H12 O5'
MAN D-saccharide, alpha linking alpha-D-mannopyranose 'C6 H12 O6'
MYR non-polymer 'MYRISTIC ACID' 'C14 H28 O2'
NAG D-saccharide, beta linking 2-acetamido-2-deoxy-beta-D-glucopyranose 'C8 H15 N O6'
PLM non-polymer 'PALMITIC ACID' 'C16 H32 O2'
#
# COMPACT_ATOMS: atom_id res chain seq x y z
N ALA A 20 -12.79 -36.76 8.97
CA ALA A 20 -14.17 -36.81 9.49
C ALA A 20 -14.61 -35.53 10.24
N ALA A 21 -13.73 -34.55 10.52
CA ALA A 21 -14.23 -33.32 11.12
C ALA A 21 -15.01 -32.51 10.06
N THR A 22 -16.28 -32.20 10.25
CA THR A 22 -16.98 -31.39 9.26
C THR A 22 -16.99 -29.93 9.62
N SER A 23 -17.29 -29.13 8.60
CA SER A 23 -17.29 -27.68 8.71
C SER A 23 -18.27 -27.24 9.78
N ARG A 24 -19.42 -27.90 9.93
CA ARG A 24 -20.30 -27.48 11.00
C ARG A 24 -20.09 -28.09 12.38
N ASP A 25 -19.03 -28.87 12.61
CA ASP A 25 -18.78 -29.37 13.96
C ASP A 25 -18.39 -28.31 14.98
N ALA A 26 -18.78 -28.47 16.22
CA ALA A 26 -18.36 -27.56 17.27
C ALA A 26 -16.86 -27.55 17.47
N LEU A 27 -16.28 -26.38 17.67
CA LEU A 27 -14.86 -26.26 17.97
C LEU A 27 -14.51 -26.91 19.32
N PRO A 28 -13.25 -27.15 19.66
CA PRO A 28 -12.89 -27.76 20.91
C PRO A 28 -13.25 -26.97 22.16
N ASN A 29 -13.71 -27.74 23.13
CA ASN A 29 -13.98 -27.23 24.44
C ASN A 29 -12.80 -26.63 25.13
N THR A 30 -13.03 -25.67 26.00
CA THR A 30 -11.95 -25.23 26.84
C THR A 30 -11.89 -26.12 28.06
N GLU A 31 -10.73 -26.66 28.35
CA GLU A 31 -10.56 -27.44 29.56
C GLU A 31 -10.17 -26.61 30.76
N ALA A 32 -10.66 -26.95 31.93
CA ALA A 32 -10.23 -26.25 33.13
C ALA A 32 -8.73 -26.44 33.37
N SER A 33 -7.95 -25.42 33.72
CA SER A 33 -6.56 -25.65 34.06
C SER A 33 -6.13 -24.74 35.20
N GLY A 34 -5.29 -25.26 36.07
CA GLY A 34 -4.93 -24.54 37.26
C GLY A 34 -3.54 -23.92 37.23
N PRO A 35 -3.00 -23.53 38.37
CA PRO A 35 -1.70 -22.91 38.52
C PRO A 35 -0.61 -23.85 38.05
N THR A 36 0.51 -23.30 37.66
CA THR A 36 1.58 -24.12 37.17
C THR A 36 2.95 -23.58 37.57
N HIS A 37 3.96 -24.41 37.79
CA HIS A 37 5.31 -23.95 38.11
C HIS A 37 6.22 -25.04 37.61
N SER A 38 6.82 -24.96 36.42
CA SER A 38 7.61 -26.08 35.94
C SER A 38 8.53 -25.74 34.79
N LYS A 39 9.27 -26.71 34.29
CA LYS A 39 10.10 -26.51 33.13
C LYS A 39 9.36 -26.51 31.79
N GLU A 40 8.07 -26.82 31.78
CA GLU A 40 7.30 -26.73 30.55
C GLU A 40 7.18 -25.27 30.19
N ILE A 41 7.52 -24.90 28.97
CA ILE A 41 7.50 -23.51 28.56
C ILE A 41 6.74 -23.18 27.28
N PRO A 42 5.43 -23.40 27.24
CA PRO A 42 4.60 -23.12 26.08
C PRO A 42 4.75 -21.69 25.57
N ALA A 43 4.82 -20.72 26.47
CA ALA A 43 4.89 -19.32 26.08
C ALA A 43 6.13 -18.90 25.32
N LEU A 44 7.26 -19.57 25.55
CA LEU A 44 8.48 -19.19 24.86
C LEU A 44 8.56 -19.92 23.55
N THR A 45 9.01 -19.31 22.49
CA THR A 45 9.03 -19.97 21.21
C THR A 45 10.07 -19.35 20.30
N ALA A 46 10.13 -19.71 19.03
CA ALA A 46 11.09 -19.10 18.12
C ALA A 46 10.49 -18.96 16.73
N VAL A 47 9.98 -17.80 16.34
CA VAL A 47 9.30 -17.73 15.04
C VAL A 47 10.23 -17.84 13.83
N GLU A 48 11.54 -17.85 14.06
CA GLU A 48 12.52 -18.05 13.00
C GLU A 48 12.32 -19.38 12.29
N THR A 49 11.81 -20.38 13.03
CA THR A 49 11.58 -21.70 12.46
C THR A 49 10.56 -21.70 11.33
N GLY A 50 9.70 -20.69 11.28
CA GLY A 50 8.64 -20.64 10.28
C GLY A 50 7.31 -21.17 10.79
N ALA A 51 7.27 -21.63 12.03
CA ALA A 51 6.06 -22.14 12.64
C ALA A 51 5.37 -21.14 13.54
N THR A 52 4.06 -21.24 13.62
CA THR A 52 3.26 -20.45 14.53
C THR A 52 3.08 -21.24 15.81
N ASN A 53 3.21 -20.63 16.98
CA ASN A 53 3.10 -21.32 18.26
C ASN A 53 1.66 -21.78 18.51
N PRO A 54 1.31 -23.05 18.66
CA PRO A 54 -0.08 -23.55 18.65
C PRO A 54 -0.75 -23.33 20.02
N LEU A 55 -0.62 -22.19 20.70
CA LEU A 55 -1.18 -22.13 22.04
C LEU A 55 -2.68 -21.93 22.13
N VAL A 56 -3.22 -22.35 23.25
CA VAL A 56 -4.60 -22.09 23.63
C VAL A 56 -4.56 -21.40 25.00
N PRO A 57 -5.57 -20.69 25.49
CA PRO A 57 -5.51 -20.00 26.76
C PRO A 57 -5.05 -20.76 27.97
N SER A 58 -5.41 -22.03 28.12
CA SER A 58 -4.90 -22.79 29.27
C SER A 58 -3.40 -22.95 29.27
N ASP A 59 -2.70 -22.65 28.18
CA ASP A 59 -1.25 -22.67 28.22
C ASP A 59 -0.67 -21.46 28.96
N THR A 60 -1.36 -20.32 29.06
CA THR A 60 -0.76 -19.17 29.73
C THR A 60 -1.63 -18.49 30.77
N VAL A 61 -2.87 -18.92 31.00
CA VAL A 61 -3.68 -18.40 32.10
C VAL A 61 -4.47 -19.55 32.75
N GLN A 62 -5.04 -19.36 33.91
CA GLN A 62 -5.96 -20.35 34.45
C GLN A 62 -7.30 -20.28 33.74
N THR A 63 -7.83 -21.43 33.36
CA THR A 63 -9.09 -21.50 32.65
C THR A 63 -10.15 -22.32 33.34
N ARG A 64 -11.40 -22.02 33.07
CA ARG A 64 -12.49 -22.89 33.55
C ARG A 64 -12.88 -23.90 32.44
N HIS A 65 -13.74 -24.85 32.72
CA HIS A 65 -14.23 -25.72 31.68
C HIS A 65 -15.34 -24.99 30.95
N VAL A 66 -15.32 -25.06 29.63
CA VAL A 66 -16.39 -24.50 28.79
C VAL A 66 -16.78 -25.45 27.67
N VAL A 67 -18.06 -25.79 27.57
CA VAL A 67 -18.50 -26.62 26.46
C VAL A 67 -18.69 -25.71 25.27
N GLN A 68 -17.82 -25.83 24.31
CA GLN A 68 -17.84 -24.97 23.15
C GLN A 68 -18.89 -25.34 22.12
N HIS A 69 -19.78 -24.42 21.77
CA HIS A 69 -20.74 -24.75 20.72
C HIS A 69 -20.48 -24.06 19.40
N ARG A 70 -19.63 -23.05 19.30
CA ARG A 70 -19.43 -22.38 18.03
C ARG A 70 -18.80 -23.27 16.97
N SER A 71 -19.08 -23.01 15.71
CA SER A 71 -18.46 -23.78 14.64
C SER A 71 -17.95 -22.88 13.52
N ARG A 72 -17.11 -23.41 12.64
CA ARG A 72 -16.61 -22.66 11.50
C ARG A 72 -17.39 -22.93 10.23
N SER A 73 -18.67 -23.26 10.37
CA SER A 73 -19.47 -23.61 9.21
C SER A 73 -19.57 -22.57 8.10
N GLU A 74 -19.60 -21.29 8.46
CA GLU A 74 -19.73 -20.25 7.46
C GLU A 74 -18.42 -19.79 6.84
N SER A 75 -17.28 -20.30 7.31
CA SER A 75 -16.01 -19.95 6.70
C SER A 75 -15.32 -21.12 6.02
N SER A 76 -16.07 -22.17 5.70
CA SER A 76 -15.57 -23.21 4.80
C SER A 76 -15.33 -22.56 3.43
N ILE A 77 -14.46 -23.09 2.58
CA ILE A 77 -14.24 -22.49 1.27
C ILE A 77 -15.53 -22.33 0.48
N GLU A 78 -16.32 -23.40 0.44
CA GLU A 78 -17.62 -23.35 -0.22
C GLU A 78 -18.50 -22.22 0.29
N SER A 79 -18.63 -22.07 1.60
CA SER A 79 -19.47 -21.00 2.12
C SER A 79 -18.92 -19.60 1.96
N PHE A 80 -17.60 -19.41 2.03
CA PHE A 80 -16.99 -18.13 1.79
C PHE A 80 -17.29 -17.67 0.36
N PHE A 81 -17.34 -18.60 -0.58
CA PHE A 81 -17.64 -18.26 -1.96
C PHE A 81 -19.07 -18.46 -2.43
N ALA A 82 -20.00 -18.90 -1.59
CA ALA A 82 -21.36 -19.20 -2.03
C ALA A 82 -22.30 -18.02 -2.29
N ARG A 83 -21.89 -17.20 -3.23
CA ARG A 83 -22.62 -15.99 -3.57
C ARG A 83 -22.42 -15.63 -5.03
N GLY A 84 -23.45 -15.17 -5.70
CA GLY A 84 -23.22 -14.64 -7.02
C GLY A 84 -22.61 -13.23 -6.94
N ALA A 85 -21.54 -12.94 -7.67
CA ALA A 85 -20.94 -11.62 -7.71
C ALA A 85 -20.99 -11.03 -9.10
N CYS A 86 -21.25 -9.73 -9.25
CA CYS A 86 -21.31 -9.15 -10.58
C CYS A 86 -19.93 -9.10 -11.23
N VAL A 87 -19.77 -9.70 -12.40
CA VAL A 87 -18.47 -9.64 -13.07
C VAL A 87 -18.45 -8.77 -14.31
N THR A 88 -19.61 -8.34 -14.81
CA THR A 88 -19.65 -7.41 -15.93
C THR A 88 -21.04 -6.87 -16.19
N ILE A 89 -21.10 -5.77 -16.94
CA ILE A 89 -22.37 -5.19 -17.37
C ILE A 89 -22.26 -5.08 -18.89
N MET A 90 -23.14 -5.70 -19.64
CA MET A 90 -23.05 -5.63 -21.10
C MET A 90 -24.14 -4.74 -21.69
N THR A 91 -23.81 -3.82 -22.58
CA THR A 91 -24.86 -2.93 -23.12
C THR A 91 -25.26 -3.28 -24.52
N VAL A 92 -26.57 -3.31 -24.79
CA VAL A 92 -27.03 -3.59 -26.12
C VAL A 92 -28.14 -2.65 -26.45
N ASP A 93 -28.58 -2.51 -27.69
CA ASP A 93 -29.76 -1.70 -27.93
C ASP A 93 -30.59 -2.19 -29.09
N ASN A 94 -31.69 -1.53 -29.38
CA ASN A 94 -32.48 -1.88 -30.55
C ASN A 94 -32.99 -0.56 -31.11
N PRO A 95 -32.36 0.03 -32.12
CA PRO A 95 -32.60 1.42 -32.53
C PRO A 95 -33.63 1.41 -33.66
N ALA A 96 -34.03 2.59 -34.17
CA ALA A 96 -34.86 2.65 -35.39
C ALA A 96 -34.12 2.13 -36.61
N SER A 97 -34.77 1.69 -37.70
CA SER A 97 -34.00 1.22 -38.87
C SER A 97 -33.39 2.38 -39.64
N THR A 98 -33.95 3.57 -39.41
CA THR A 98 -33.44 4.78 -40.06
C THR A 98 -32.19 5.33 -39.40
N THR A 99 -31.55 4.62 -38.46
CA THR A 99 -30.39 5.21 -37.82
C THR A 99 -29.14 5.13 -38.64
N ASN A 100 -28.36 6.21 -38.51
CA ASN A 100 -27.02 6.18 -39.10
C ASN A 100 -26.17 5.16 -38.32
N LYS A 101 -26.40 5.09 -36.99
CA LYS A 101 -25.65 4.13 -36.20
C LYS A 101 -26.16 2.68 -36.20
N ASP A 102 -25.22 1.76 -36.38
CA ASP A 102 -25.51 0.34 -36.25
C ASP A 102 -26.16 -0.13 -34.96
N LYS A 103 -27.03 -1.13 -35.08
CA LYS A 103 -27.64 -1.73 -33.89
C LYS A 103 -26.51 -2.34 -33.04
N LEU A 104 -26.47 -1.92 -31.79
CA LEU A 104 -25.46 -2.39 -30.87
C LEU A 104 -25.64 -3.78 -30.28
N PHE A 105 -24.76 -4.72 -30.60
CA PHE A 105 -24.77 -5.99 -29.87
C PHE A 105 -23.49 -6.01 -29.02
N ALA A 106 -23.43 -6.74 -27.92
CA ALA A 106 -22.25 -6.70 -27.09
C ALA A 106 -21.35 -7.92 -27.15
N VAL A 107 -20.06 -7.74 -26.98
CA VAL A 107 -19.12 -8.84 -26.96
C VAL A 107 -18.28 -8.70 -25.68
N TRP A 108 -18.23 -9.69 -24.79
CA TRP A 108 -17.45 -9.58 -23.57
C TRP A 108 -16.51 -10.75 -23.41
N LYS A 109 -15.23 -10.52 -23.28
CA LYS A 109 -14.29 -11.59 -23.03
C LYS A 109 -14.47 -12.07 -21.58
N ILE A 110 -14.85 -13.33 -21.39
CA ILE A 110 -15.18 -13.84 -20.05
C ILE A 110 -13.99 -13.80 -19.10
N THR A 111 -14.26 -13.22 -17.94
CA THR A 111 -13.25 -13.04 -16.91
C THR A 111 -13.84 -12.63 -15.57
N TYR A 112 -13.21 -12.82 -14.42
CA TYR A 112 -13.68 -12.24 -13.16
C TYR A 112 -12.84 -11.01 -12.83
N LYS A 113 -11.98 -10.59 -13.74
CA LYS A 113 -11.10 -9.44 -13.47
C LYS A 113 -11.58 -8.07 -13.91
N ASP A 114 -12.75 -7.94 -14.51
CA ASP A 114 -13.25 -6.62 -14.82
C ASP A 114 -13.90 -5.97 -13.61
N THR A 115 -14.27 -6.72 -12.59
CA THR A 115 -14.71 -6.10 -11.37
C THR A 115 -13.75 -6.44 -10.24
N VAL A 116 -13.87 -5.90 -9.04
CA VAL A 116 -12.88 -6.17 -8.01
C VAL A 116 -13.23 -7.06 -6.83
N GLN A 117 -14.48 -7.15 -6.44
CA GLN A 117 -14.82 -7.90 -5.23
C GLN A 117 -14.63 -9.40 -5.29
N LEU A 118 -15.19 -10.09 -6.29
CA LEU A 118 -14.96 -11.52 -6.41
C LEU A 118 -13.47 -11.78 -6.68
N ARG A 119 -12.86 -10.94 -7.54
CA ARG A 119 -11.46 -11.09 -7.85
C ARG A 119 -10.59 -11.10 -6.58
N ARG A 120 -10.84 -10.17 -5.65
CA ARG A 120 -10.05 -10.16 -4.44
C ARG A 120 -10.24 -11.41 -3.58
N LYS A 121 -11.46 -11.92 -3.48
CA LYS A 121 -11.71 -13.14 -2.73
C LYS A 121 -11.02 -14.36 -3.33
N LEU A 122 -11.10 -14.54 -4.66
CA LEU A 122 -10.44 -15.67 -5.29
C LEU A 122 -8.93 -15.55 -5.16
N GLU A 123 -8.44 -14.31 -5.16
CA GLU A 123 -7.01 -14.10 -5.05
C GLU A 123 -6.44 -14.24 -3.65
N PHE A 124 -7.23 -14.63 -2.66
CA PHE A 124 -6.65 -15.16 -1.43
C PHE A 124 -5.94 -16.50 -1.73
N PHE A 125 -6.18 -17.07 -2.91
CA PHE A 125 -5.58 -18.34 -3.30
C PHE A 125 -4.85 -18.30 -4.63
N THR A 126 -3.89 -19.18 -4.81
CA THR A 126 -3.13 -19.24 -6.06
C THR A 126 -3.85 -20.04 -7.13
N TYR A 127 -4.48 -21.14 -6.74
CA TYR A 127 -5.15 -22.01 -7.67
C TYR A 127 -6.55 -22.42 -7.22
N SER A 128 -7.47 -22.67 -8.13
CA SER A 128 -8.78 -23.13 -7.72
C SER A 128 -9.44 -24.06 -8.73
N ARG A 129 -10.42 -24.84 -8.30
CA ARG A 129 -11.24 -25.67 -9.17
C ARG A 129 -12.69 -25.45 -8.77
N PHE A 130 -13.58 -25.22 -9.71
CA PHE A 130 -14.99 -25.06 -9.38
C PHE A 130 -15.91 -25.20 -10.58
N ASP A 131 -17.16 -25.51 -10.31
CA ASP A 131 -18.19 -25.43 -11.33
C ASP A 131 -18.67 -23.99 -11.30
N MET A 132 -19.06 -23.43 -12.42
CA MET A 132 -19.46 -22.04 -12.41
C MET A 132 -20.94 -21.87 -12.66
N GLU A 133 -21.63 -21.15 -11.80
CA GLU A 133 -23.03 -20.81 -12.05
C GLU A 133 -23.09 -19.36 -12.53
N LEU A 134 -23.68 -19.11 -13.69
CA LEU A 134 -23.86 -17.76 -14.20
C LEU A 134 -25.33 -17.38 -14.20
N THR A 135 -25.63 -16.24 -13.59
CA THR A 135 -26.99 -15.74 -13.56
C THR A 135 -27.05 -14.40 -14.27
N PHE A 136 -28.09 -14.12 -15.04
CA PHE A 136 -28.13 -12.92 -15.87
C PHE A 136 -29.29 -12.00 -15.56
N VAL A 137 -29.04 -10.78 -15.10
CA VAL A 137 -30.13 -9.85 -14.82
C VAL A 137 -30.22 -8.82 -15.92
N VAL A 138 -31.39 -8.72 -16.54
CA VAL A 138 -31.55 -7.87 -17.71
C VAL A 138 -32.49 -6.70 -17.51
N THR A 139 -32.03 -5.49 -17.75
CA THR A 139 -32.88 -4.32 -17.59
C THR A 139 -32.90 -3.45 -18.83
N ALA A 140 -34.01 -2.76 -19.08
CA ALA A 140 -34.11 -1.94 -20.28
C ALA A 140 -34.75 -0.59 -20.05
N ASN A 141 -34.49 0.39 -20.92
CA ASN A 141 -35.13 1.68 -20.80
C ASN A 141 -35.25 2.43 -22.11
N PHE A 142 -36.15 3.42 -22.17
CA PHE A 142 -36.23 4.28 -23.35
C PHE A 142 -35.16 5.34 -23.26
N THR A 143 -34.70 5.93 -24.36
CA THR A 143 -33.75 7.03 -24.20
C THR A 143 -34.16 8.34 -24.84
N GLU A 144 -34.95 8.27 -25.89
CA GLU A 144 -35.38 9.53 -26.49
C GLU A 144 -36.74 9.87 -25.91
N THR A 145 -36.78 11.13 -25.45
CA THR A 145 -38.00 11.75 -24.87
C THR A 145 -39.05 11.82 -25.96
N ASN A 146 -39.66 10.66 -26.13
CA ASN A 146 -40.58 10.42 -27.22
C ASN A 146 -41.74 9.67 -26.56
N ASN A 147 -42.91 9.51 -27.17
CA ASN A 147 -43.96 8.71 -26.50
C ASN A 147 -44.09 7.34 -27.16
N GLY A 148 -43.35 7.08 -28.27
CA GLY A 148 -43.41 5.81 -29.02
C GLY A 148 -43.21 4.59 -28.11
N HIS A 149 -43.61 3.38 -28.53
CA HIS A 149 -43.50 2.25 -27.61
C HIS A 149 -42.67 1.10 -28.15
N ALA A 150 -42.43 0.10 -27.33
CA ALA A 150 -41.70 -1.06 -27.82
C ALA A 150 -42.33 -2.34 -27.31
N LEU A 151 -42.34 -3.43 -28.06
CA LEU A 151 -42.86 -4.66 -27.54
C LEU A 151 -41.78 -5.46 -26.81
N ASN A 152 -42.17 -6.31 -25.88
CA ASN A 152 -41.27 -7.09 -25.05
C ASN A 152 -40.12 -7.75 -25.78
N GLN A 153 -38.93 -7.46 -25.34
CA GLN A 153 -37.75 -7.98 -26.00
C GLN A 153 -37.26 -9.38 -25.65
N VAL A 154 -36.72 -10.08 -26.63
CA VAL A 154 -36.04 -11.34 -26.38
C VAL A 154 -34.56 -11.12 -26.64
N TYR A 155 -33.70 -11.62 -25.77
CA TYR A 155 -32.28 -11.48 -25.91
C TYR A 155 -31.62 -12.80 -26.21
N GLN A 156 -30.59 -12.79 -27.04
CA GLN A 156 -29.80 -13.99 -27.26
C GLN A 156 -28.43 -13.79 -26.65
N ILE A 157 -28.08 -14.64 -25.70
CA ILE A 157 -26.78 -14.64 -25.05
C ILE A 157 -26.03 -15.84 -25.62
N MET A 158 -25.07 -15.64 -26.50
CA MET A 158 -24.36 -16.74 -27.11
C MET A 158 -22.94 -16.88 -26.60
N TYR A 159 -22.59 -18.07 -26.16
CA TYR A 159 -21.23 -18.32 -25.76
C TYR A 159 -20.40 -18.64 -26.99
N VAL A 160 -19.42 -17.82 -27.31
CA VAL A 160 -18.56 -18.09 -28.46
C VAL A 160 -17.19 -18.52 -27.95
N PRO A 161 -16.91 -19.82 -27.90
CA PRO A 161 -15.66 -20.31 -27.36
C PRO A 161 -14.49 -19.99 -28.29
N PRO A 162 -13.26 -19.92 -27.80
CA PRO A 162 -12.12 -19.56 -28.62
C PRO A 162 -11.98 -20.39 -29.88
N GLY A 163 -11.99 -19.70 -31.00
CA GLY A 163 -11.91 -20.36 -32.28
C GLY A 163 -13.22 -20.22 -33.03
N ALA A 164 -14.37 -20.17 -32.36
CA ALA A 164 -15.61 -20.01 -33.09
C ALA A 164 -15.77 -18.59 -33.67
N PRO A 165 -16.50 -18.37 -34.76
CA PRO A 165 -16.63 -17.06 -35.40
C PRO A 165 -17.37 -16.07 -34.50
N VAL A 166 -16.75 -14.97 -34.15
CA VAL A 166 -17.41 -13.95 -33.36
C VAL A 166 -18.37 -13.18 -34.24
N PRO A 167 -19.62 -12.91 -33.86
CA PRO A 167 -20.50 -12.07 -34.66
C PRO A 167 -19.91 -10.71 -34.96
N GLU A 168 -20.06 -10.32 -36.21
CA GLU A 168 -19.73 -8.95 -36.65
C GLU A 168 -20.94 -8.05 -36.81
N LYS A 169 -22.14 -8.60 -37.00
CA LYS A 169 -23.36 -7.80 -37.07
C LYS A 169 -24.39 -8.46 -36.17
N TRP A 170 -25.35 -7.72 -35.63
CA TRP A 170 -26.38 -8.28 -34.75
C TRP A 170 -27.19 -9.38 -35.42
N ASP A 171 -27.21 -9.38 -36.73
CA ASP A 171 -27.99 -10.36 -37.47
C ASP A 171 -27.18 -11.22 -38.43
N ASP A 172 -25.87 -11.38 -38.30
CA ASP A 172 -25.20 -12.26 -39.28
C ASP A 172 -25.42 -13.76 -39.02
N TYR A 173 -24.86 -14.66 -39.81
CA TYR A 173 -25.08 -16.09 -39.66
C TYR A 173 -24.62 -16.71 -38.33
N THR A 174 -23.66 -16.13 -37.62
CA THR A 174 -23.16 -16.76 -36.40
C THR A 174 -24.22 -16.97 -35.35
N TRP A 175 -25.25 -16.11 -35.32
CA TRP A 175 -26.32 -16.26 -34.35
C TRP A 175 -27.19 -17.49 -34.56
N GLN A 176 -27.01 -18.20 -35.68
CA GLN A 176 -27.61 -19.52 -35.85
C GLN A 176 -27.26 -20.48 -34.72
N THR A 177 -26.13 -20.27 -34.02
CA THR A 177 -25.70 -21.10 -32.90
C THR A 177 -25.88 -22.60 -33.03
N SER A 178 -25.60 -23.24 -34.15
CA SER A 178 -25.81 -24.69 -34.21
C SER A 178 -25.03 -25.48 -33.19
N SER A 179 -23.90 -24.94 -32.75
CA SER A 179 -23.06 -25.66 -31.81
C SER A 179 -22.67 -24.90 -30.57
N ASN A 180 -22.45 -23.59 -30.66
CA ASN A 180 -22.25 -22.77 -29.47
C ASN A 180 -23.49 -22.90 -28.58
N PRO A 181 -23.44 -22.84 -27.26
CA PRO A 181 -24.65 -22.82 -26.45
C PRO A 181 -25.17 -21.38 -26.51
N SER A 182 -26.46 -21.17 -26.63
CA SER A 182 -27.05 -19.84 -26.50
C SER A 182 -28.19 -19.82 -25.51
N ILE A 183 -28.44 -18.74 -24.81
CA ILE A 183 -29.63 -18.60 -24.00
C ILE A 183 -30.54 -17.56 -24.67
N PHE A 184 -31.78 -17.90 -24.95
CA PHE A 184 -32.74 -16.90 -25.38
C PHE A 184 -33.53 -16.50 -24.14
N TYR A 185 -33.31 -15.29 -23.67
CA TYR A 185 -33.97 -14.80 -22.48
C TYR A 185 -35.10 -13.86 -22.82
N THR A 186 -36.24 -14.05 -22.17
CA THR A 186 -37.37 -13.17 -22.39
C THR A 186 -37.46 -12.09 -21.33
N TYR A 187 -37.46 -10.84 -21.79
CA TYR A 187 -37.55 -9.72 -20.87
C TYR A 187 -38.68 -9.83 -19.87
N GLY A 188 -38.40 -9.51 -18.61
CA GLY A 188 -39.45 -9.55 -17.61
C GLY A 188 -39.62 -10.92 -16.96
N THR A 189 -38.92 -11.96 -17.41
CA THR A 189 -39.02 -13.22 -16.72
C THR A 189 -37.89 -13.34 -15.72
N ALA A 190 -37.93 -14.37 -14.88
CA ALA A 190 -36.85 -14.64 -13.94
C ALA A 190 -35.47 -14.55 -14.58
N PRO A 191 -34.49 -13.90 -13.97
CA PRO A 191 -33.15 -13.94 -14.49
C PRO A 191 -32.64 -15.28 -14.96
N ALA A 192 -32.08 -15.28 -16.16
CA ALA A 192 -31.54 -16.49 -16.76
C ALA A 192 -30.40 -17.11 -15.95
N ARG A 193 -30.20 -18.41 -16.06
CA ARG A 193 -29.14 -19.07 -15.30
C ARG A 193 -28.68 -20.38 -15.90
N ILE A 194 -27.37 -20.56 -15.99
CA ILE A 194 -26.80 -21.82 -16.41
C ILE A 194 -25.64 -22.22 -15.53
N SER A 195 -25.28 -23.49 -15.61
CA SER A 195 -24.08 -23.97 -14.98
C SER A 195 -23.09 -24.45 -16.03
N VAL A 196 -21.82 -24.34 -15.70
CA VAL A 196 -20.75 -24.84 -16.52
C VAL A 196 -19.83 -25.70 -15.65
N PRO A 197 -19.25 -26.79 -16.15
CA PRO A 197 -18.32 -27.61 -15.38
C PRO A 197 -16.99 -26.90 -15.18
N TYR A 198 -16.06 -27.50 -14.45
CA TYR A 198 -14.69 -27.02 -14.42
C TYR A 198 -14.14 -27.22 -15.84
N VAL A 199 -13.91 -26.13 -16.57
CA VAL A 199 -13.51 -26.27 -17.95
C VAL A 199 -12.05 -25.95 -18.25
N GLY A 200 -11.21 -25.80 -17.25
CA GLY A 200 -9.83 -25.43 -17.47
C GLY A 200 -9.02 -26.44 -18.24
N ILE A 201 -8.09 -25.96 -19.05
CA ILE A 201 -7.16 -26.85 -19.75
C ILE A 201 -6.04 -27.33 -18.84
N SER A 202 -6.01 -26.86 -17.61
CA SER A 202 -5.12 -27.37 -16.58
C SER A 202 -5.85 -28.15 -15.53
N ASN A 203 -5.18 -28.71 -14.52
CA ASN A 203 -5.89 -29.42 -13.46
C ASN A 203 -6.52 -28.51 -12.43
N ALA A 204 -6.18 -27.24 -12.49
CA ALA A 204 -6.81 -26.21 -11.66
C ALA A 204 -6.72 -24.89 -12.41
N TYR A 205 -7.62 -23.94 -12.19
CA TYR A 205 -7.47 -22.60 -12.74
C TYR A 205 -6.29 -21.91 -12.06
N SER A 206 -5.45 -21.20 -12.80
CA SER A 206 -4.36 -20.44 -12.19
C SER A 206 -4.74 -19.01 -11.94
N HIS A 207 -4.78 -18.56 -10.71
CA HIS A 207 -5.10 -17.16 -10.44
C HIS A 207 -3.86 -16.29 -10.69
N PHE A 208 -2.68 -16.90 -10.70
CA PHE A 208 -1.42 -16.23 -10.92
C PHE A 208 -0.53 -17.12 -11.77
N TYR A 209 0.07 -16.62 -12.83
CA TYR A 209 0.94 -17.39 -13.69
C TYR A 209 2.24 -16.61 -13.85
N ASP A 210 3.27 -16.96 -13.11
CA ASP A 210 4.53 -16.26 -13.22
C ASP A 210 5.37 -16.68 -14.42
N GLY A 211 4.92 -16.24 -15.58
CA GLY A 211 5.59 -16.62 -16.81
C GLY A 211 5.03 -15.98 -18.05
N PHE A 212 5.46 -16.52 -19.17
CA PHE A 212 5.10 -15.96 -20.46
C PHE A 212 4.51 -17.02 -21.35
N SER A 213 3.82 -16.63 -22.40
CA SER A 213 3.36 -17.64 -23.33
C SER A 213 4.38 -17.93 -24.42
N LYS A 214 5.41 -17.09 -24.58
CA LYS A 214 6.44 -17.34 -25.58
C LYS A 214 7.86 -17.29 -25.03
N VAL A 215 8.72 -18.20 -25.46
CA VAL A 215 10.14 -18.10 -25.16
C VAL A 215 10.76 -17.24 -26.27
N PRO A 216 11.38 -16.10 -26.05
CA PRO A 216 12.02 -15.32 -27.10
C PRO A 216 13.27 -16.08 -27.49
N LEU A 217 13.54 -16.34 -28.73
CA LEU A 217 14.75 -17.03 -29.11
C LEU A 217 15.85 -16.13 -29.61
N LYS A 218 17.11 -16.37 -29.29
CA LYS A 218 18.19 -15.53 -29.82
C LYS A 218 18.23 -15.31 -31.32
N ASP A 219 17.91 -16.40 -31.99
CA ASP A 219 17.93 -16.41 -33.42
C ASP A 219 16.68 -15.83 -34.08
N GLN A 220 15.93 -15.02 -33.36
CA GLN A 220 14.64 -14.59 -33.90
C GLN A 220 14.49 -13.13 -33.51
N SER A 221 13.69 -12.32 -34.21
CA SER A 221 13.57 -10.93 -33.77
C SER A 221 12.90 -10.83 -32.42
N ALA A 222 13.26 -9.77 -31.71
CA ALA A 222 12.59 -9.51 -30.43
C ALA A 222 11.08 -9.41 -30.55
N ALA A 223 10.59 -8.81 -31.63
CA ALA A 223 9.15 -8.70 -31.82
C ALA A 223 8.47 -10.06 -31.94
N LEU A 224 9.12 -10.94 -32.68
CA LEU A 224 8.58 -12.28 -32.84
C LEU A 224 8.58 -13.10 -31.55
N GLY A 225 9.51 -12.86 -30.63
CA GLY A 225 9.48 -13.66 -29.41
C GLY A 225 8.79 -12.98 -28.24
N ASP A 226 8.11 -11.86 -28.46
CA ASP A 226 7.56 -11.13 -27.35
C ASP A 226 6.17 -11.53 -26.92
N SER A 227 5.87 -11.42 -25.64
CA SER A 227 4.52 -11.67 -25.14
C SER A 227 4.31 -11.01 -23.79
N LEU A 228 3.09 -10.89 -23.32
CA LEU A 228 2.83 -10.21 -22.08
C LEU A 228 3.20 -11.00 -20.85
N TYR A 229 3.76 -10.32 -19.88
CA TYR A 229 4.08 -10.98 -18.63
C TYR A 229 2.82 -11.43 -17.88
N GLY A 230 2.80 -12.70 -17.50
CA GLY A 230 1.73 -13.21 -16.69
C GLY A 230 0.51 -13.65 -17.46
N ALA A 231 0.57 -13.62 -18.78
CA ALA A 231 -0.56 -14.02 -19.58
C ALA A 231 -0.37 -15.36 -20.28
N ALA A 232 -1.43 -16.15 -20.35
CA ALA A 232 -1.40 -17.45 -21.03
C ALA A 232 -2.79 -17.91 -21.47
N SER A 233 -3.09 -18.75 -22.46
CA SER A 233 -4.48 -19.19 -22.67
C SER A 233 -5.06 -20.07 -21.53
N LEU A 234 -4.33 -20.29 -20.41
CA LEU A 234 -4.86 -20.90 -19.16
C LEU A 234 -6.24 -20.36 -18.74
N ASN A 235 -6.31 -19.05 -19.00
CA ASN A 235 -7.54 -18.30 -18.78
C ASN A 235 -8.23 -17.75 -20.05
N ASP A 236 -8.00 -18.22 -21.26
CA ASP A 236 -8.82 -17.68 -22.33
C ASP A 236 -9.99 -18.63 -22.43
N PHE A 237 -11.14 -18.07 -22.11
CA PHE A 237 -12.39 -18.82 -22.12
C PHE A 237 -13.34 -18.39 -23.20
N GLY A 238 -12.94 -17.50 -24.08
CA GLY A 238 -13.84 -17.04 -25.11
C GLY A 238 -14.70 -15.86 -24.65
N ILE A 239 -15.78 -15.63 -25.39
CA ILE A 239 -16.60 -14.47 -25.16
C ILE A 239 -18.09 -14.73 -25.03
N LEU A 240 -18.82 -13.82 -24.41
CA LEU A 240 -20.27 -13.86 -24.52
C LEU A 240 -20.67 -12.80 -25.55
N ALA A 241 -21.52 -13.15 -26.49
CA ALA A 241 -22.03 -12.19 -27.46
C ALA A 241 -23.53 -12.03 -27.22
N VAL A 242 -24.01 -10.81 -27.04
CA VAL A 242 -25.41 -10.62 -26.70
C VAL A 242 -26.12 -9.67 -27.66
N ARG A 243 -27.32 -10.02 -28.09
CA ARG A 243 -28.11 -9.15 -28.94
C ARG A 243 -29.58 -9.10 -28.56
N VAL A 244 -30.28 -8.03 -28.94
CA VAL A 244 -31.73 -7.98 -28.88
C VAL A 244 -32.18 -8.69 -30.15
N VAL A 245 -32.96 -9.75 -30.05
CA VAL A 245 -33.37 -10.48 -31.24
C VAL A 245 -34.42 -9.74 -32.07
N ASN A 246 -35.31 -9.00 -31.41
CA ASN A 246 -36.33 -8.24 -32.11
C ASN A 246 -35.75 -7.29 -33.17
N ASP A 247 -36.44 -7.23 -34.30
CA ASP A 247 -36.07 -6.22 -35.27
C ASP A 247 -36.17 -4.79 -34.77
N HIS A 248 -35.56 -3.90 -35.57
CA HIS A 248 -35.54 -2.49 -35.26
C HIS A 248 -36.92 -1.94 -34.95
N ASN A 249 -36.93 -1.05 -34.00
CA ASN A 249 -38.21 -0.49 -33.58
C ASN A 249 -38.13 1.02 -33.75
N PRO A 250 -39.17 1.79 -34.04
CA PRO A 250 -39.06 3.25 -34.19
C PRO A 250 -38.63 3.97 -32.93
N THR A 251 -38.98 3.47 -31.75
CA THR A 251 -38.49 4.11 -30.54
C THR A 251 -37.29 3.32 -30.07
N LYS A 252 -36.14 3.95 -29.87
CA LYS A 252 -34.99 3.23 -29.40
C LYS A 252 -35.04 2.73 -27.96
N VAL A 253 -34.72 1.47 -27.73
CA VAL A 253 -34.59 0.97 -26.36
C VAL A 253 -33.17 0.52 -26.08
N THR A 254 -32.62 0.90 -24.94
CA THR A 254 -31.30 0.43 -24.56
C THR A 254 -31.41 -0.58 -23.43
N SER A 255 -30.56 -1.59 -23.44
CA SER A 255 -30.60 -2.59 -22.39
C SER A 255 -29.27 -2.95 -21.78
N LYS A 256 -29.30 -3.40 -20.55
CA LYS A 256 -28.12 -3.91 -19.88
C LYS A 256 -28.25 -5.30 -19.32
N ILE A 257 -27.23 -6.10 -19.57
CA ILE A 257 -27.20 -7.45 -19.04
C ILE A 257 -26.13 -7.53 -17.97
N ARG A 258 -26.53 -7.71 -16.73
CA ARG A 258 -25.57 -7.91 -15.67
C ARG A 258 -25.30 -9.38 -15.44
N VAL A 259 -24.03 -9.73 -15.45
CA VAL A 259 -23.63 -11.12 -15.29
C VAL A 259 -23.10 -11.40 -13.88
N TYR A 260 -23.70 -12.38 -13.22
CA TYR A 260 -23.26 -12.79 -11.88
C TYR A 260 -22.65 -14.18 -11.86
N LEU A 261 -21.47 -14.28 -11.25
CA LEU A 261 -20.75 -15.51 -11.19
C LEU A 261 -20.71 -16.05 -9.77
N LYS A 262 -21.12 -17.29 -9.58
CA LYS A 262 -20.94 -17.97 -8.30
C LYS A 262 -20.08 -19.21 -8.54
N PRO A 263 -18.93 -19.35 -7.89
CA PRO A 263 -18.09 -20.52 -8.04
C PRO A 263 -18.68 -21.58 -7.13
N LYS A 264 -19.27 -22.67 -7.57
CA LYS A 264 -19.75 -23.68 -6.63
C LYS A 264 -18.94 -24.95 -6.73
N HIS A 265 -19.04 -25.86 -5.77
CA HIS A 265 -18.26 -27.09 -5.68
C HIS A 265 -16.75 -26.75 -5.77
N ILE A 266 -16.32 -25.81 -4.94
CA ILE A 266 -14.97 -25.27 -5.05
C ILE A 266 -13.85 -25.78 -4.16
N ARG A 267 -12.68 -26.00 -4.75
CA ARG A 267 -11.46 -26.31 -4.03
C ARG A 267 -10.42 -25.23 -4.31
N VAL A 268 -9.58 -24.89 -3.36
CA VAL A 268 -8.55 -23.89 -3.55
C VAL A 268 -7.24 -24.31 -2.90
N TRP A 269 -6.16 -23.79 -3.45
CA TRP A 269 -4.82 -24.11 -3.02
C TRP A 269 -3.87 -22.92 -2.91
N CYS A 270 -2.89 -23.03 -1.99
CA CYS A 270 -1.82 -22.06 -1.75
C CYS A 270 -2.25 -20.63 -1.42
N PRO A 271 -2.52 -20.36 -0.14
CA PRO A 271 -3.06 -19.10 0.33
C PRO A 271 -2.10 -17.94 0.07
N ARG A 272 -2.63 -16.76 -0.13
CA ARG A 272 -1.83 -15.59 -0.43
C ARG A 272 -2.30 -14.42 0.40
N PRO A 273 -1.45 -13.48 0.80
CA PRO A 273 -1.90 -12.17 1.25
C PRO A 273 -2.88 -11.50 0.29
N PRO A 274 -3.98 -10.93 0.73
CA PRO A 274 -5.00 -10.35 -0.13
C PRO A 274 -4.51 -9.04 -0.75
N ARG A 275 -5.10 -8.63 -1.87
CA ARG A 275 -4.80 -7.36 -2.53
C ARG A 275 -4.96 -6.16 -1.59
N ALA A 276 -3.89 -5.43 -1.38
CA ALA A 276 -3.92 -4.33 -0.44
C ALA A 276 -3.91 -2.92 -1.03
N VAL A 277 -3.59 -2.76 -2.30
CA VAL A 277 -3.68 -1.48 -2.99
C VAL A 277 -4.59 -1.71 -4.19
N ALA A 278 -5.14 -0.66 -4.78
CA ALA A 278 -6.08 -0.83 -5.86
C ALA A 278 -5.61 -1.63 -7.06
N TYR A 279 -6.52 -2.42 -7.60
CA TYR A 279 -6.19 -3.18 -8.79
C TYR A 279 -5.88 -2.24 -9.96
N TYR A 280 -5.01 -2.68 -10.83
CA TYR A 280 -4.57 -1.88 -11.94
C TYR A 280 -4.26 -2.81 -13.10
N GLY A 281 -5.34 -3.09 -13.80
CA GLY A 281 -5.30 -4.01 -14.91
C GLY A 281 -5.42 -5.48 -14.48
N PRO A 282 -5.29 -6.43 -15.40
CA PRO A 282 -5.60 -7.82 -15.15
C PRO A 282 -4.40 -8.52 -14.51
N GLY A 283 -3.28 -7.84 -14.34
CA GLY A 283 -2.13 -8.44 -13.69
C GLY A 283 -2.01 -7.93 -12.27
N VAL A 284 -0.83 -8.00 -11.66
CA VAL A 284 -0.66 -7.55 -10.28
C VAL A 284 -0.11 -6.12 -10.20
N ASP A 285 -0.03 -5.43 -11.34
CA ASP A 285 0.56 -4.10 -11.40
C ASP A 285 -0.13 -3.07 -10.50
N TYR A 286 0.62 -2.09 -10.04
CA TYR A 286 0.00 -1.05 -9.27
C TYR A 286 0.35 0.32 -9.80
N LYS A 287 -0.48 1.23 -9.38
CA LYS A 287 -0.40 2.56 -9.90
C LYS A 287 0.06 3.59 -8.89
N ASP A 288 0.90 4.48 -9.36
CA ASP A 288 1.37 5.57 -8.52
C ASP A 288 0.24 6.35 -7.87
N GLY A 289 0.39 6.79 -6.63
CA GLY A 289 -0.70 7.47 -5.97
C GLY A 289 -1.69 6.53 -5.29
N THR A 290 -1.61 5.20 -5.44
CA THR A 290 -2.54 4.32 -4.74
C THR A 290 -1.85 3.44 -3.71
N LEU A 291 -0.58 3.68 -3.45
CA LEU A 291 0.19 2.77 -2.62
C LEU A 291 0.20 3.04 -1.13
N THR A 292 -0.77 3.73 -0.57
CA THR A 292 -0.76 3.98 0.86
C THR A 292 -2.02 3.54 1.59
N PRO A 293 -2.24 2.23 1.73
CA PRO A 293 -3.43 1.68 2.34
C PRO A 293 -3.55 1.99 3.84
N LEU A 294 -2.43 2.12 4.57
CA LEU A 294 -2.55 2.33 6.00
C LEU A 294 -2.72 3.78 6.39
N SER A 295 -3.52 4.00 7.42
CA SER A 295 -3.71 5.35 7.92
C SER A 295 -2.84 5.67 9.14
N THR A 296 -2.82 6.91 9.58
CA THR A 296 -1.99 7.29 10.72
C THR A 296 -2.48 6.86 12.07
N LYS A 297 -1.63 6.29 12.89
CA LYS A 297 -1.99 5.93 14.25
C LYS A 297 -0.72 5.89 15.08
N ASP A 298 -0.71 6.58 16.19
CA ASP A 298 0.45 6.61 17.07
C ASP A 298 0.65 5.32 17.87
N LEU A 299 1.89 4.85 17.88
CA LEU A 299 2.32 3.64 18.58
C LEU A 299 1.82 3.45 20.01
N THR A 300 1.76 4.52 20.81
CA THR A 300 1.21 4.35 22.14
C THR A 300 -0.18 4.93 22.36
N THR A 301 -0.98 4.96 21.30
CA THR A 301 -2.36 5.42 21.41
C THR A 301 -3.34 4.28 21.14
N TYR A 302 -4.27 3.98 22.04
CA TYR A 302 -5.23 2.89 21.83
C TYR A 302 -6.20 2.99 20.64
N ALA B 6 20.81 -34.92 25.36
CA ALA B 6 21.58 -36.14 25.75
C ALA B 6 22.90 -36.18 24.94
N CYS B 7 22.77 -36.54 23.63
CA CYS B 7 23.93 -36.37 22.73
C CYS B 7 24.13 -34.90 22.35
N GLY B 8 23.20 -33.98 22.65
CA GLY B 8 23.46 -32.60 22.20
C GLY B 8 22.92 -32.28 20.79
N TYR B 9 22.09 -33.13 20.18
CA TYR B 9 21.46 -32.74 18.91
C TYR B 9 20.63 -31.47 19.07
N SER B 10 20.52 -30.65 18.06
CA SER B 10 19.88 -29.35 18.22
C SER B 10 19.29 -28.75 16.95
N ASP B 11 18.15 -28.11 17.12
CA ASP B 11 17.50 -27.27 16.12
C ASP B 11 18.28 -26.29 15.27
N ARG B 12 19.29 -25.86 16.02
CA ARG B 12 20.20 -24.85 15.52
C ARG B 12 21.36 -25.41 14.72
N VAL B 13 21.63 -26.70 14.84
CA VAL B 13 22.80 -27.26 14.21
C VAL B 13 22.38 -28.34 13.24
N LEU B 14 22.51 -28.10 11.95
CA LEU B 14 22.03 -29.01 10.93
C LEU B 14 23.08 -29.34 9.89
N GLN B 15 22.91 -30.50 9.28
CA GLN B 15 23.71 -30.86 8.12
C GLN B 15 22.80 -31.27 6.96
N LEU B 16 22.95 -30.75 5.76
CA LEU B 16 22.12 -31.15 4.63
C LEU B 16 23.06 -31.74 3.60
N THR B 17 22.74 -32.91 3.08
CA THR B 17 23.59 -33.51 2.05
C THR B 17 22.76 -33.89 0.85
N LEU B 18 23.08 -33.41 -0.34
CA LEU B 18 22.41 -33.78 -1.58
C LEU B 18 23.45 -33.95 -2.67
N GLY B 19 23.43 -35.11 -3.33
CA GLY B 19 24.42 -35.43 -4.35
C GLY B 19 25.83 -35.40 -3.77
N ASN B 20 26.74 -34.68 -4.39
CA ASN B 20 28.08 -34.59 -3.87
C ASN B 20 28.27 -33.35 -3.00
N SER B 21 27.19 -32.77 -2.48
CA SER B 21 27.28 -31.56 -1.71
C SER B 21 26.65 -31.56 -0.34
N THR B 22 27.34 -30.93 0.60
CA THR B 22 26.88 -30.86 1.97
C THR B 22 26.89 -29.45 2.52
N ILE B 23 25.86 -29.06 3.23
CA ILE B 23 25.78 -27.80 3.92
C ILE B 23 25.78 -28.05 5.42
N THR B 24 26.53 -27.28 6.18
CA THR B 24 26.40 -27.32 7.61
C THR B 24 25.97 -25.96 8.14
N THR B 25 25.28 -25.95 9.26
CA THR B 25 24.97 -24.69 9.90
C THR B 25 24.96 -24.90 11.40
N GLN B 26 25.44 -23.92 12.14
CA GLN B 26 25.41 -24.01 13.59
C GLN B 26 24.48 -22.99 14.23
N GLU B 27 23.82 -22.14 13.44
CA GLU B 27 22.86 -21.18 13.96
C GLU B 27 21.59 -21.13 13.11
N ALA B 28 20.97 -22.28 12.98
CA ALA B 28 19.71 -22.41 12.26
C ALA B 28 18.52 -22.14 13.16
N ALA B 29 17.35 -21.89 12.60
CA ALA B 29 16.15 -21.76 13.40
C ALA B 29 15.18 -22.84 12.90
N ASN B 30 15.58 -24.10 13.06
CA ASN B 30 14.85 -25.26 12.50
C ASN B 30 14.80 -25.11 10.97
N SER B 31 13.94 -25.80 10.23
CA SER B 31 13.84 -25.54 8.80
C SER B 31 12.40 -25.75 8.35
N VAL B 32 11.99 -25.12 7.27
CA VAL B 32 10.60 -25.19 6.85
C VAL B 32 10.35 -26.15 5.71
N VAL B 33 9.29 -26.95 5.76
CA VAL B 33 8.88 -27.74 4.61
C VAL B 33 7.60 -27.08 4.14
N ALA B 34 7.65 -26.38 3.01
CA ALA B 34 6.52 -25.61 2.52
C ALA B 34 5.23 -26.43 2.41
N TYR B 35 4.17 -25.90 3.02
CA TYR B 35 2.86 -26.53 3.07
C TYR B 35 2.89 -27.97 3.59
N GLY B 36 3.92 -28.32 4.36
CA GLY B 36 4.08 -29.67 4.87
C GLY B 36 4.37 -30.71 3.79
N ARG B 37 4.73 -30.34 2.56
CA ARG B 37 4.92 -31.32 1.53
C ARG B 37 6.34 -31.46 1.02
N TRP B 38 7.00 -32.54 1.37
CA TRP B 38 8.32 -32.84 0.87
C TRP B 38 8.27 -33.03 -0.65
N PRO B 39 9.27 -32.65 -1.45
CA PRO B 39 9.28 -32.95 -2.85
C PRO B 39 9.16 -34.42 -3.21
N GLU B 40 8.56 -34.67 -4.36
CA GLU B 40 8.34 -36.03 -4.82
C GLU B 40 8.33 -36.16 -6.34
N TYR B 41 8.66 -37.33 -6.84
CA TYR B 41 8.48 -37.58 -8.26
C TYR B 41 7.01 -37.69 -8.64
N LEU B 42 6.69 -37.43 -9.89
CA LEU B 42 5.33 -37.50 -10.37
C LEU B 42 4.72 -38.90 -10.35
N ARG B 43 3.74 -39.11 -9.50
CA ARG B 43 3.00 -40.37 -9.48
C ARG B 43 2.31 -40.76 -10.77
N ASP B 44 2.28 -42.05 -11.03
CA ASP B 44 1.56 -42.55 -12.21
C ASP B 44 0.11 -42.13 -12.30
N SER B 45 -0.57 -42.06 -11.16
CA SER B 45 -1.97 -41.64 -11.21
C SER B 45 -2.12 -40.16 -11.52
N GLU B 46 -1.08 -39.35 -11.46
CA GLU B 46 -1.19 -37.95 -11.84
C GLU B 46 -0.39 -37.63 -13.09
N ALA B 47 0.19 -38.63 -13.72
CA ALA B 47 1.05 -38.39 -14.85
C ALA B 47 0.36 -37.87 -16.10
N ASN B 48 1.12 -37.26 -16.99
CA ASN B 48 0.48 -36.74 -18.17
C ASN B 48 1.31 -36.94 -19.44
N PRO B 49 2.47 -36.38 -19.78
CA PRO B 49 3.27 -36.81 -20.92
C PRO B 49 3.53 -38.32 -20.81
N VAL B 50 3.39 -39.08 -21.87
CA VAL B 50 3.58 -40.52 -21.76
C VAL B 50 4.97 -41.04 -22.03
N ASP B 51 5.83 -40.23 -22.60
CA ASP B 51 7.20 -40.68 -22.81
C ASP B 51 7.95 -40.92 -21.50
N GLN B 52 8.83 -41.90 -21.49
CA GLN B 52 9.68 -42.17 -20.35
C GLN B 52 10.48 -40.93 -19.93
N PRO B 53 10.33 -40.39 -18.74
CA PRO B 53 10.98 -39.15 -18.32
C PRO B 53 12.47 -39.36 -18.08
N THR B 54 13.22 -38.28 -18.15
CA THR B 54 14.60 -38.23 -17.68
C THR B 54 14.58 -37.83 -16.22
N GLU B 55 15.34 -38.52 -15.39
CA GLU B 55 15.46 -38.14 -14.00
C GLU B 55 16.93 -38.01 -13.65
N PRO B 56 17.58 -36.84 -13.70
CA PRO B 56 19.02 -36.76 -13.54
C PRO B 56 19.57 -37.17 -12.19
N ASP B 57 18.72 -37.17 -11.18
CA ASP B 57 19.12 -37.53 -9.83
C ASP B 57 20.36 -36.78 -9.34
N VAL B 58 21.46 -37.36 -8.85
CA VAL B 58 22.57 -36.58 -8.29
C VAL B 58 23.27 -35.60 -9.22
N ALA B 59 23.13 -35.80 -10.53
CA ALA B 59 23.71 -34.86 -11.48
C ALA B 59 23.13 -33.45 -11.39
N ALA B 60 21.85 -33.38 -11.05
CA ALA B 60 21.18 -32.10 -10.91
C ALA B 60 20.63 -31.83 -9.51
N CYS B 61 20.35 -32.85 -8.71
CA CYS B 61 19.83 -32.64 -7.37
C CYS B 61 20.96 -32.53 -6.35
N ARG B 62 21.50 -31.33 -6.34
CA ARG B 62 22.68 -30.99 -5.55
C ARG B 62 22.72 -29.49 -5.31
N PHE B 63 23.45 -29.04 -4.31
CA PHE B 63 23.53 -27.62 -4.03
C PHE B 63 24.31 -26.73 -5.00
N TYR B 64 23.62 -25.78 -5.63
CA TYR B 64 24.28 -24.79 -6.47
C TYR B 64 24.33 -23.43 -5.79
N THR B 65 25.49 -22.81 -5.65
CA THR B 65 25.57 -21.47 -5.03
C THR B 65 25.56 -20.33 -6.03
N LEU B 66 24.61 -19.42 -5.90
CA LEU B 66 24.49 -18.30 -6.81
C LEU B 66 25.44 -17.16 -6.44
N ASP B 67 25.61 -16.14 -7.27
CA ASP B 67 26.47 -15.01 -6.89
C ASP B 67 26.00 -14.32 -5.65
N THR B 68 26.92 -14.06 -4.74
CA THR B 68 26.62 -13.41 -3.48
C THR B 68 26.23 -11.95 -3.61
N VAL B 69 25.27 -11.48 -2.82
CA VAL B 69 24.93 -10.07 -2.84
C VAL B 69 25.34 -9.40 -1.54
N SER B 70 25.17 -8.10 -1.45
CA SER B 70 25.62 -7.38 -0.27
C SER B 70 24.51 -6.62 0.41
N TRP B 71 24.29 -6.80 1.71
CA TRP B 71 23.24 -6.12 2.45
C TRP B 71 23.81 -4.87 3.09
N THR B 72 23.23 -3.72 2.80
CA THR B 72 23.65 -2.48 3.46
C THR B 72 22.45 -1.76 4.04
N LYS B 73 22.65 -0.67 4.76
CA LYS B 73 21.54 0.10 5.30
C LYS B 73 20.60 0.61 4.21
N GLU B 74 21.03 0.71 2.97
CA GLU B 74 20.13 1.18 1.94
C GLU B 74 19.43 0.08 1.15
N SER B 75 19.75 -1.20 1.39
CA SER B 75 19.12 -2.28 0.64
C SER B 75 17.62 -2.34 0.79
N ARG B 76 16.85 -2.40 -0.29
CA ARG B 76 15.41 -2.55 -0.14
C ARG B 76 14.94 -4.00 -0.27
N GLY B 77 15.76 -4.88 -0.81
CA GLY B 77 15.36 -6.27 -0.92
C GLY B 77 15.74 -6.90 -2.25
N TRP B 78 15.69 -8.22 -2.32
CA TRP B 78 16.11 -8.95 -3.50
C TRP B 78 15.09 -10.01 -3.93
N TRP B 79 15.03 -10.39 -5.19
CA TRP B 79 14.14 -11.46 -5.61
C TRP B 79 14.77 -12.35 -6.67
N TRP B 80 14.39 -13.61 -6.69
CA TRP B 80 14.85 -14.54 -7.71
C TRP B 80 13.66 -15.40 -8.12
N LYS B 81 13.67 -16.04 -9.28
CA LYS B 81 12.58 -16.93 -9.64
C LYS B 81 13.15 -18.33 -9.86
N LEU B 82 12.38 -19.39 -9.64
CA LEU B 82 12.83 -20.76 -9.85
C LEU B 82 11.91 -21.43 -10.86
N PRO B 83 12.38 -22.12 -11.89
CA PRO B 83 13.75 -22.59 -12.08
C PRO B 83 14.70 -21.54 -12.63
N ASP B 84 14.24 -20.38 -13.10
CA ASP B 84 15.11 -19.38 -13.73
C ASP B 84 16.48 -19.11 -13.11
N ALA B 85 16.58 -18.90 -11.81
CA ALA B 85 17.87 -18.65 -11.17
C ALA B 85 18.87 -19.80 -11.31
N LEU B 86 18.38 -21.00 -11.63
CA LEU B 86 19.26 -22.14 -11.82
C LEU B 86 19.44 -22.56 -13.27
N ARG B 87 18.95 -21.75 -14.20
CA ARG B 87 18.98 -22.11 -15.63
C ARG B 87 20.35 -22.39 -16.21
N ASP B 88 21.37 -21.75 -15.67
CA ASP B 88 22.72 -21.96 -16.12
C ASP B 88 23.53 -22.79 -15.11
N MET B 89 22.87 -23.57 -14.25
CA MET B 89 23.59 -24.38 -13.28
C MET B 89 23.78 -25.84 -13.68
N GLY B 90 25.01 -26.14 -14.07
CA GLY B 90 25.46 -27.49 -14.40
C GLY B 90 24.50 -28.37 -15.19
N LEU B 91 24.36 -29.62 -14.79
CA LEU B 91 23.45 -30.49 -15.52
C LEU B 91 21.97 -30.23 -15.27
N PHE B 92 21.62 -29.48 -14.22
CA PHE B 92 20.23 -29.09 -14.08
C PHE B 92 19.83 -28.20 -15.24
N GLY B 93 20.66 -27.18 -15.51
CA GLY B 93 20.41 -26.26 -16.61
C GLY B 93 20.34 -26.97 -17.96
N GLN B 94 21.30 -27.86 -18.24
CA GLN B 94 21.26 -28.60 -19.50
C GLN B 94 20.01 -29.46 -19.66
N ASN B 95 19.62 -30.20 -18.62
CA ASN B 95 18.40 -30.98 -18.72
C ASN B 95 17.16 -30.12 -18.91
N MET B 96 17.12 -28.96 -18.26
CA MET B 96 16.02 -28.03 -18.43
C MET B 96 15.90 -27.56 -19.89
N TYR B 97 17.00 -27.10 -20.50
CA TYR B 97 16.91 -26.60 -21.85
C TYR B 97 16.77 -27.67 -22.93
N TYR B 98 17.22 -28.90 -22.71
CA TYR B 98 17.00 -29.96 -23.71
C TYR B 98 15.60 -30.56 -23.75
N HIS B 99 14.76 -30.26 -22.75
CA HIS B 99 13.44 -30.84 -22.71
C HIS B 99 12.32 -29.84 -22.73
N TYR B 100 11.28 -30.09 -23.50
CA TYR B 100 10.08 -29.29 -23.45
C TYR B 100 9.50 -29.11 -22.04
N LEU B 101 9.44 -30.20 -21.28
CA LEU B 101 8.80 -30.17 -19.97
C LEU B 101 9.72 -30.52 -18.84
N GLY B 102 9.42 -29.97 -17.68
CA GLY B 102 10.17 -30.30 -16.50
C GLY B 102 9.43 -29.93 -15.23
N ARG B 103 9.74 -30.66 -14.17
CA ARG B 103 9.26 -30.32 -12.85
C ARG B 103 10.36 -30.57 -11.84
N SER B 104 10.31 -29.82 -10.76
CA SER B 104 11.34 -29.91 -9.76
C SER B 104 10.91 -29.26 -8.46
N GLY B 105 11.30 -29.84 -7.36
CA GLY B 105 11.19 -29.21 -6.07
C GLY B 105 12.57 -28.62 -5.70
N TYR B 106 12.77 -28.02 -4.53
CA TYR B 106 14.05 -27.41 -4.19
C TYR B 106 14.35 -27.36 -2.70
N THR B 107 15.62 -27.42 -2.29
CA THR B 107 15.95 -26.98 -0.96
C THR B 107 16.65 -25.63 -1.14
N VAL B 108 16.11 -24.58 -0.54
CA VAL B 108 16.66 -23.24 -0.61
C VAL B 108 17.36 -22.90 0.69
N HIS B 109 18.65 -22.59 0.66
CA HIS B 109 19.36 -22.23 1.88
C HIS B 109 19.98 -20.85 1.78
N VAL B 110 19.40 -19.89 2.49
CA VAL B 110 19.91 -18.53 2.48
C VAL B 110 20.87 -18.33 3.63
N GLN B 111 22.03 -17.78 3.34
CA GLN B 111 23.11 -17.63 4.31
C GLN B 111 23.51 -16.19 4.59
N CYS B 112 23.56 -15.80 5.85
CA CYS B 112 23.92 -14.44 6.22
C CYS B 112 24.35 -14.36 7.67
N ASN B 113 25.65 -14.38 7.91
CA ASN B 113 26.14 -14.28 9.28
C ASN B 113 26.67 -12.90 9.58
N ALA B 114 26.87 -12.59 10.85
CA ALA B 114 27.29 -11.27 11.23
C ALA B 114 28.00 -11.33 12.56
N SER B 115 27.56 -10.71 13.64
CA SER B 115 28.25 -10.84 14.91
C SER B 115 27.23 -10.56 15.98
N LYS B 116 27.56 -10.81 17.23
CA LYS B 116 26.67 -10.49 18.33
C LYS B 116 26.41 -9.01 18.59
N PHE B 117 27.17 -8.17 17.89
CA PHE B 117 27.01 -6.73 17.95
C PHE B 117 26.34 -6.13 16.73
N HIS B 118 25.99 -6.98 15.77
CA HIS B 118 25.22 -6.51 14.62
C HIS B 118 23.74 -6.72 14.89
N GLN B 119 22.85 -6.08 14.14
CA GLN B 119 21.44 -6.37 14.26
C GLN B 119 20.80 -6.17 12.91
N GLY B 120 19.62 -6.75 12.76
CA GLY B 120 18.90 -6.68 11.50
C GLY B 120 18.12 -7.97 11.26
N ALA B 121 17.10 -7.92 10.43
CA ALA B 121 16.30 -9.09 10.17
C ALA B 121 15.76 -9.17 8.76
N LEU B 122 16.06 -10.27 8.09
CA LEU B 122 15.61 -10.52 6.73
C LEU B 122 14.42 -11.45 6.66
N GLY B 123 13.32 -11.06 6.04
CA GLY B 123 12.24 -11.98 5.77
C GLY B 123 12.60 -12.76 4.48
N VAL B 124 12.59 -14.08 4.53
CA VAL B 124 12.88 -14.93 3.39
C VAL B 124 11.60 -15.66 3.04
N PHE B 125 10.98 -15.27 1.95
CA PHE B 125 9.69 -15.81 1.56
C PHE B 125 9.73 -16.63 0.28
N ALA B 126 9.11 -17.79 0.26
CA ALA B 126 8.98 -18.54 -0.98
C ALA B 126 7.54 -18.43 -1.43
N VAL B 127 7.32 -17.85 -2.60
CA VAL B 127 6.01 -17.54 -3.11
C VAL B 127 5.62 -18.33 -4.35
N PRO B 128 4.58 -19.15 -4.38
CA PRO B 128 4.17 -19.89 -5.57
C PRO B 128 3.66 -18.87 -6.57
N GLU B 129 3.97 -18.93 -7.86
CA GLU B 129 3.50 -17.95 -8.84
C GLU B 129 3.73 -16.48 -8.43
N MET B 130 4.99 -16.15 -8.14
CA MET B 130 5.32 -14.80 -7.72
C MET B 130 5.27 -13.76 -8.86
N CYS B 131 4.08 -13.46 -9.35
CA CYS B 131 3.91 -12.47 -10.39
C CYS B 131 4.28 -11.07 -9.87
N LEU B 132 5.16 -10.37 -10.56
CA LEU B 132 5.54 -9.04 -10.13
C LEU B 132 4.99 -7.91 -11.00
N ALA B 133 4.75 -6.77 -10.40
CA ALA B 133 4.27 -5.62 -11.15
C ALA B 133 5.26 -4.94 -12.08
N GLY B 134 4.76 -4.43 -13.19
CA GLY B 134 5.61 -3.79 -14.18
C GLY B 134 5.89 -2.32 -13.88
N ASP B 135 6.72 -1.73 -14.71
CA ASP B 135 7.08 -0.33 -14.58
C ASP B 135 6.21 0.63 -15.38
N SER B 136 5.15 0.19 -16.02
CA SER B 136 4.43 1.08 -16.90
C SER B 136 3.07 1.54 -16.44
N ASN B 137 2.77 2.81 -16.63
CA ASN B 137 1.39 3.21 -16.45
C ASN B 137 0.69 3.49 -17.75
N THR B 138 1.24 3.02 -18.85
CA THR B 138 0.48 3.14 -20.09
C THR B 138 0.18 1.77 -20.71
N THR B 139 0.88 0.70 -20.31
CA THR B 139 0.58 -0.65 -20.85
C THR B 139 0.66 -1.64 -19.71
N THR B 140 -0.22 -2.60 -19.57
CA THR B 140 -0.05 -3.58 -18.51
C THR B 140 0.58 -4.87 -19.01
N MET B 141 1.16 -5.69 -18.12
CA MET B 141 1.67 -7.03 -18.46
C MET B 141 2.70 -7.02 -19.57
N HIS B 142 3.48 -5.94 -19.52
CA HIS B 142 4.44 -5.69 -20.57
C HIS B 142 5.89 -6.00 -20.26
N THR B 143 6.23 -6.40 -19.04
CA THR B 143 7.61 -6.77 -18.76
C THR B 143 8.06 -7.85 -19.70
N SER B 144 9.23 -7.65 -20.28
CA SER B 144 9.71 -8.58 -21.27
C SER B 144 10.23 -9.89 -20.68
N TYR B 145 10.30 -10.96 -21.46
CA TYR B 145 10.87 -12.22 -21.00
C TYR B 145 12.27 -12.04 -20.44
N GLN B 146 13.07 -11.25 -21.14
CA GLN B 146 14.44 -10.99 -20.72
C GLN B 146 14.51 -10.29 -19.36
N ASN B 147 13.68 -9.27 -19.14
CA ASN B 147 13.69 -8.59 -17.85
C ASN B 147 12.96 -9.33 -16.74
N ALA B 148 12.04 -10.21 -17.09
CA ALA B 148 11.34 -11.01 -16.09
C ALA B 148 12.22 -12.16 -15.59
N ASN B 149 13.19 -12.57 -16.42
CA ASN B 149 14.09 -13.66 -16.09
C ASN B 149 15.56 -13.26 -15.97
N PRO B 150 16.03 -12.81 -14.80
CA PRO B 150 17.37 -12.28 -14.59
C PRO B 150 18.39 -13.41 -14.44
N GLY B 151 17.97 -14.66 -14.33
CA GLY B 151 18.88 -15.75 -13.99
C GLY B 151 19.42 -15.65 -12.56
N GLU B 152 20.63 -16.08 -12.31
CA GLU B 152 21.13 -16.13 -10.94
C GLU B 152 21.37 -14.77 -10.29
N LYS B 153 21.52 -13.69 -11.05
CA LYS B 153 21.74 -12.42 -10.37
C LYS B 153 20.51 -11.91 -9.68
N GLY B 154 19.34 -12.43 -10.03
CA GLY B 154 18.12 -11.96 -9.42
C GLY B 154 17.82 -10.51 -9.75
N GLY B 155 16.87 -9.95 -9.04
CA GLY B 155 16.52 -8.57 -9.20
C GLY B 155 16.37 -7.92 -7.83
N THR B 156 15.90 -6.69 -7.80
CA THR B 156 15.75 -6.03 -6.51
C THR B 156 14.41 -5.36 -6.35
N PHE B 157 14.05 -5.13 -5.09
CA PHE B 157 12.86 -4.36 -4.79
C PHE B 157 13.22 -2.88 -4.69
N THR B 158 12.25 -2.01 -4.80
CA THR B 158 12.52 -0.59 -4.62
C THR B 158 11.56 0.02 -3.62
N GLY B 159 11.88 1.13 -2.97
CA GLY B 159 10.96 1.78 -2.05
C GLY B 159 10.04 2.75 -2.78
N THR B 160 10.25 2.98 -4.06
CA THR B 160 9.49 4.01 -4.80
C THR B 160 9.01 3.53 -6.15
N PHE B 161 7.73 3.69 -6.48
CA PHE B 161 7.31 3.35 -7.83
C PHE B 161 7.72 4.46 -8.80
N THR B 162 8.45 4.11 -9.84
CA THR B 162 8.85 5.10 -10.84
C THR B 162 8.37 4.74 -12.23
N PRO B 163 7.27 5.27 -12.75
CA PRO B 163 6.71 4.82 -14.01
C PRO B 163 7.69 5.06 -15.14
N ASP B 164 7.80 4.18 -16.09
CA ASP B 164 8.63 4.41 -17.25
C ASP B 164 7.88 5.36 -18.17
N ASN B 165 8.43 6.54 -18.40
CA ASN B 165 7.75 7.38 -19.40
C ASN B 165 8.30 7.39 -20.82
N ASN B 166 9.31 6.58 -21.11
CA ASN B 166 9.78 6.52 -22.48
C ASN B 166 8.85 5.66 -23.34
N GLN B 167 7.83 6.24 -23.98
CA GLN B 167 7.00 5.40 -24.86
C GLN B 167 7.58 5.02 -26.20
N THR B 168 8.71 5.65 -26.56
CA THR B 168 9.39 5.32 -27.82
C THR B 168 10.06 3.97 -27.64
N SER B 169 10.94 3.88 -26.65
CA SER B 169 11.52 2.58 -26.36
C SER B 169 11.40 2.27 -24.88
N PRO B 170 10.25 1.70 -24.52
CA PRO B 170 9.90 1.40 -23.14
C PRO B 170 10.91 0.49 -22.49
N ALA B 171 11.29 0.67 -21.24
CA ALA B 171 12.18 -0.26 -20.58
C ALA B 171 11.66 -1.70 -20.39
N ARG B 172 10.35 -1.88 -20.32
CA ARG B 172 9.70 -3.18 -20.12
C ARG B 172 10.23 -4.02 -18.96
N ARG B 173 10.46 -3.34 -17.86
CA ARG B 173 10.82 -4.14 -16.72
C ARG B 173 9.93 -4.03 -15.50
N PHE B 174 10.13 -4.93 -14.55
CA PHE B 174 9.36 -4.88 -13.32
C PHE B 174 9.64 -3.63 -12.48
N CYS B 175 8.71 -3.06 -11.74
CA CYS B 175 9.09 -2.05 -10.76
C CYS B 175 8.51 -2.49 -9.42
N PRO B 176 9.16 -3.42 -8.70
CA PRO B 176 8.55 -4.11 -7.57
C PRO B 176 8.70 -3.30 -6.29
N VAL B 177 7.65 -2.66 -5.80
CA VAL B 177 7.74 -1.87 -4.58
C VAL B 177 7.78 -2.71 -3.31
N ASP B 178 8.80 -2.57 -2.46
CA ASP B 178 8.95 -3.38 -1.26
C ASP B 178 7.75 -3.53 -0.32
N TYR B 179 7.11 -2.47 0.17
CA TYR B 179 6.01 -2.66 1.10
C TYR B 179 4.75 -3.19 0.41
N LEU B 180 4.75 -3.30 -0.92
CA LEU B 180 3.63 -3.92 -1.63
C LEU B 180 4.02 -5.29 -2.21
N LEU B 181 5.10 -5.87 -1.64
CA LEU B 181 5.65 -7.16 -2.03
C LEU B 181 5.90 -7.29 -3.53
N GLY B 182 6.13 -6.13 -4.15
CA GLY B 182 6.28 -6.04 -5.59
C GLY B 182 5.06 -6.51 -6.39
N ASN B 183 3.90 -6.75 -5.78
CA ASN B 183 2.77 -7.26 -6.50
C ASN B 183 1.41 -6.68 -6.12
N GLY B 184 1.37 -5.59 -5.37
CA GLY B 184 0.12 -4.95 -5.05
C GLY B 184 -0.56 -5.45 -3.78
N THR B 185 0.15 -6.18 -2.93
CA THR B 185 -0.44 -6.67 -1.68
C THR B 185 0.44 -6.27 -0.51
N LEU B 186 -0.01 -6.10 0.73
CA LEU B 186 0.92 -5.60 1.75
C LEU B 186 1.95 -6.60 2.24
N LEU B 187 3.20 -6.16 2.27
CA LEU B 187 4.30 -6.99 2.71
C LEU B 187 4.07 -7.62 4.09
N GLY B 188 3.45 -6.93 5.05
CA GLY B 188 3.16 -7.51 6.36
C GLY B 188 2.39 -8.84 6.30
N ASN B 189 1.70 -9.11 5.20
CA ASN B 189 0.99 -10.36 5.05
C ASN B 189 1.74 -11.46 4.32
N ALA B 190 2.96 -11.20 3.87
CA ALA B 190 3.74 -12.21 3.15
C ALA B 190 4.03 -13.46 3.97
N PHE B 191 3.86 -13.38 5.28
CA PHE B 191 4.05 -14.51 6.17
C PHE B 191 3.03 -15.63 5.98
N VAL B 192 1.93 -15.44 5.22
CA VAL B 192 1.09 -16.58 4.89
C VAL B 192 1.78 -17.45 3.83
N PHE B 193 2.85 -16.98 3.20
CA PHE B 193 3.66 -17.81 2.34
C PHE B 193 4.70 -18.53 3.20
N PRO B 194 5.17 -19.73 2.82
CA PRO B 194 6.27 -20.38 3.49
C PRO B 194 7.49 -19.48 3.62
N HIS B 195 7.99 -19.40 4.83
CA HIS B 195 9.04 -18.44 5.12
C HIS B 195 9.87 -18.76 6.34
N GLN B 196 11.00 -18.08 6.46
CA GLN B 196 11.73 -18.01 7.71
C GLN B 196 12.24 -16.57 7.85
N ILE B 197 12.72 -16.15 9.02
CA ILE B 197 13.31 -14.84 9.16
C ILE B 197 14.77 -15.02 9.58
N ILE B 198 15.74 -14.38 8.96
CA ILE B 198 17.09 -14.40 9.48
C ILE B 198 17.25 -13.16 10.34
N ASN B 199 17.12 -13.34 11.65
CA ASN B 199 17.26 -12.24 12.60
C ASN B 199 18.64 -12.44 13.20
N LEU B 200 19.56 -11.53 12.92
CA LEU B 200 20.97 -11.76 13.22
C LEU B 200 21.34 -12.14 14.65
N ARG B 201 20.64 -11.64 15.67
CA ARG B 201 20.89 -12.09 17.03
C ARG B 201 20.54 -13.57 17.29
N THR B 202 19.67 -14.14 16.45
CA THR B 202 19.17 -15.51 16.63
C THR B 202 19.78 -16.55 15.71
N ASN B 203 19.81 -16.27 14.42
CA ASN B 203 20.21 -17.26 13.45
C ASN B 203 20.94 -16.66 12.27
N ASN B 204 21.71 -17.44 11.53
CA ASN B 204 22.45 -16.90 10.40
C ASN B 204 22.04 -17.51 9.07
N CYS B 205 20.90 -18.19 9.03
CA CYS B 205 20.46 -18.81 7.80
C CYS B 205 18.97 -19.11 7.76
N ALA B 206 18.45 -19.31 6.57
CA ALA B 206 17.08 -19.72 6.38
C ALA B 206 17.05 -20.95 5.48
N THR B 207 16.27 -21.96 5.83
CA THR B 207 16.18 -23.15 5.00
C THR B 207 14.74 -23.47 4.69
N LEU B 208 14.43 -23.47 3.42
CA LEU B 208 13.08 -23.73 2.93
C LEU B 208 13.07 -24.92 1.97
N VAL B 209 12.37 -26.01 2.27
CA VAL B 209 12.23 -27.14 1.36
C VAL B 209 10.90 -26.93 0.63
N LEU B 210 10.98 -26.79 -0.67
CA LEU B 210 9.87 -26.48 -1.56
C LEU B 210 9.41 -27.62 -2.45
N PRO B 211 8.18 -28.12 -2.36
CA PRO B 211 7.63 -29.13 -3.25
C PRO B 211 7.43 -28.46 -4.62
N TYR B 212 7.37 -29.20 -5.71
CA TYR B 212 6.90 -28.61 -6.96
C TYR B 212 5.44 -28.18 -6.77
N VAL B 213 5.08 -26.94 -7.04
CA VAL B 213 3.71 -26.45 -6.93
C VAL B 213 3.27 -25.85 -8.27
N ASN B 214 2.12 -26.27 -8.76
CA ASN B 214 1.60 -25.79 -10.02
C ASN B 214 0.18 -26.30 -10.22
N SER B 215 -0.59 -25.75 -11.14
CA SER B 215 -1.92 -26.28 -11.45
C SER B 215 -1.86 -27.42 -12.47
N LEU B 216 -0.66 -27.90 -12.77
CA LEU B 216 -0.38 -29.00 -13.68
C LEU B 216 0.66 -29.93 -13.09
N SER B 217 0.69 -31.19 -13.46
CA SER B 217 1.73 -32.09 -12.99
C SER B 217 3.10 -31.74 -13.50
N ILE B 218 3.18 -31.28 -14.73
CA ILE B 218 4.45 -30.87 -15.28
C ILE B 218 4.26 -29.75 -16.29
N ASP B 219 5.26 -28.92 -16.54
CA ASP B 219 5.03 -27.76 -17.40
C ASP B 219 6.32 -27.30 -18.06
N SER B 220 6.26 -26.24 -18.86
CA SER B 220 7.47 -25.66 -19.41
C SER B 220 8.29 -24.82 -18.45
N MET B 221 9.42 -25.36 -18.01
CA MET B 221 10.32 -24.61 -17.14
C MET B 221 10.88 -23.35 -17.80
N VAL B 222 11.10 -23.39 -19.11
CA VAL B 222 11.62 -22.24 -19.80
C VAL B 222 10.58 -21.13 -19.92
N LYS B 223 9.29 -21.44 -19.99
CA LYS B 223 8.27 -20.40 -20.04
C LYS B 223 7.77 -19.87 -18.70
N HIS B 224 7.83 -20.75 -17.70
CA HIS B 224 7.14 -20.51 -16.45
C HIS B 224 7.95 -20.76 -15.19
N ASN B 225 8.04 -19.78 -14.31
CA ASN B 225 8.65 -19.99 -13.01
C ASN B 225 7.62 -20.44 -11.96
N ASN B 226 7.84 -21.55 -11.26
CA ASN B 226 6.86 -22.04 -10.29
C ASN B 226 6.91 -21.32 -8.94
N TRP B 227 8.12 -20.93 -8.55
CA TRP B 227 8.35 -20.29 -7.28
C TRP B 227 9.16 -19.01 -7.37
N GLY B 228 8.85 -18.05 -6.55
CA GLY B 228 9.71 -16.91 -6.39
C GLY B 228 10.36 -16.90 -5.01
N ILE B 229 11.59 -16.41 -4.86
CA ILE B 229 12.21 -16.26 -3.56
C ILE B 229 12.32 -14.75 -3.34
N ALA B 230 11.70 -14.22 -2.29
CA ALA B 230 11.81 -12.80 -1.99
C ALA B 230 12.47 -12.57 -0.65
N ILE B 231 13.53 -11.79 -0.62
CA ILE B 231 14.25 -11.49 0.60
C ILE B 231 14.17 -9.99 0.89
N LEU B 232 13.50 -9.59 1.96
CA LEU B 232 13.40 -8.18 2.31
C LEU B 232 13.82 -7.88 3.73
N PRO B 233 14.48 -6.75 4.01
CA PRO B 233 14.92 -6.41 5.34
C PRO B 233 13.71 -6.00 6.16
N LEU B 234 13.21 -6.79 7.08
CA LEU B 234 12.09 -6.39 7.93
C LEU B 234 12.60 -5.40 8.98
N ALA B 235 13.84 -5.58 9.42
CA ALA B 235 14.49 -4.63 10.31
C ALA B 235 15.84 -4.33 9.70
N PRO B 236 16.26 -3.08 9.54
CA PRO B 236 17.43 -2.68 8.75
C PRO B 236 18.72 -3.13 9.38
N LEU B 237 19.77 -3.29 8.60
CA LEU B 237 21.06 -3.63 9.12
C LEU B 237 21.64 -2.51 9.97
N ASN B 238 22.18 -2.84 11.12
CA ASN B 238 22.91 -1.89 11.94
C ASN B 238 24.09 -2.55 12.62
N PHE B 239 25.06 -1.75 12.99
CA PHE B 239 26.25 -2.27 13.60
C PHE B 239 27.01 -1.21 14.36
N ALA B 240 27.37 -1.58 15.60
CA ALA B 240 28.10 -0.72 16.57
C ALA B 240 27.58 0.70 16.39
N SER B 241 28.36 1.65 15.90
CA SER B 241 27.74 2.96 15.57
C SER B 241 28.24 3.39 14.20
N GLU B 242 28.44 2.38 13.34
CA GLU B 242 28.95 2.63 11.99
C GLU B 242 27.84 3.14 11.08
N SER B 243 28.16 4.08 10.20
CA SER B 243 27.15 4.62 9.28
C SER B 243 26.91 3.79 8.03
N SER B 244 27.94 3.07 7.57
CA SER B 244 27.83 2.19 6.39
C SER B 244 28.26 0.72 6.56
N PRO B 245 27.65 -0.05 7.46
CA PRO B 245 27.94 -1.47 7.59
C PRO B 245 27.48 -2.18 6.31
N GLU B 246 28.09 -3.31 6.06
CA GLU B 246 27.74 -4.20 4.96
C GLU B 246 27.86 -5.62 5.43
N ILE B 247 26.97 -6.57 5.12
CA ILE B 247 27.29 -7.98 5.31
C ILE B 247 26.76 -8.74 4.11
N PRO B 248 27.39 -9.80 3.63
CA PRO B 248 26.97 -10.53 2.46
C PRO B 248 25.77 -11.42 2.73
N ILE B 249 25.01 -11.70 1.68
CA ILE B 249 23.95 -12.68 1.72
C ILE B 249 24.25 -13.66 0.58
N THR B 250 24.29 -14.94 0.87
CA THR B 250 24.51 -15.95 -0.16
C THR B 250 23.39 -16.97 -0.27
N LEU B 251 22.97 -17.22 -1.50
CA LEU B 251 21.97 -18.23 -1.80
C LEU B 251 22.53 -19.51 -2.39
N THR B 252 22.12 -20.61 -1.79
CA THR B 252 22.50 -21.91 -2.30
C THR B 252 21.25 -22.74 -2.46
N ILE B 253 20.99 -23.28 -3.64
CA ILE B 253 19.75 -23.96 -3.92
C ILE B 253 19.98 -25.31 -4.58
N ALA B 254 19.31 -26.34 -4.09
CA ALA B 254 19.41 -27.65 -4.70
C ALA B 254 18.08 -28.08 -5.28
N PRO B 255 17.98 -28.39 -6.57
CA PRO B 255 16.82 -29.07 -7.10
C PRO B 255 16.62 -30.42 -6.44
N MET B 256 15.37 -30.85 -6.33
CA MET B 256 15.00 -32.11 -5.70
C MET B 256 13.91 -32.81 -6.51
N CYS B 257 14.04 -34.11 -6.75
CA CYS B 257 13.08 -34.89 -7.51
C CYS B 257 12.76 -34.27 -8.87
N CYS B 258 13.78 -33.83 -9.61
CA CYS B 258 13.46 -33.23 -10.89
C CYS B 258 13.36 -34.25 -12.00
N GLU B 259 12.34 -34.07 -12.81
CA GLU B 259 12.15 -34.98 -13.92
C GLU B 259 11.70 -34.21 -15.14
N PHE B 260 12.04 -34.76 -16.28
CA PHE B 260 11.85 -34.03 -17.52
C PHE B 260 11.24 -34.85 -18.64
N ASN B 261 10.44 -34.24 -19.49
CA ASN B 261 9.86 -34.97 -20.62
C ASN B 261 9.95 -34.18 -21.92
N GLY B 262 9.81 -34.89 -23.03
CA GLY B 262 9.79 -34.25 -24.34
C GLY B 262 11.17 -33.78 -24.78
N LEU B 263 12.08 -34.73 -24.87
CA LEU B 263 13.44 -34.45 -25.26
C LEU B 263 13.56 -34.04 -26.73
N ARG B 264 14.36 -33.05 -27.09
CA ARG B 264 14.58 -32.68 -28.49
C ARG B 264 15.93 -31.96 -28.57
N ASN B 265 16.16 -31.12 -29.57
CA ASN B 265 17.34 -30.28 -29.59
C ASN B 265 17.28 -29.22 -28.48
N ILE B 266 18.41 -28.62 -28.13
CA ILE B 266 18.41 -27.69 -27.03
C ILE B 266 17.76 -26.34 -27.31
N THR B 267 16.99 -25.87 -26.36
CA THR B 267 16.47 -24.51 -26.38
C THR B 267 17.56 -23.47 -26.23
N LEU B 268 17.60 -22.50 -27.13
CA LEU B 268 18.56 -21.41 -27.04
C LEU B 268 17.86 -20.06 -26.95
N PRO B 269 17.58 -19.59 -25.75
CA PRO B 269 16.60 -18.56 -25.49
C PRO B 269 17.22 -17.19 -25.79
N ARG B 270 16.44 -16.18 -26.09
CA ARG B 270 16.94 -14.81 -26.18
C ARG B 270 16.92 -14.21 -24.78
N LEU B 271 18.07 -14.09 -24.15
CA LEU B 271 18.11 -13.56 -22.78
C LEU B 271 18.57 -12.13 -22.56
N GLN B 272 19.01 -11.44 -23.61
CA GLN B 272 19.37 -10.03 -23.49
C GLN B 272 18.55 -9.21 -24.49
N GLY C 1 -51.92 -31.47 -14.80
CA GLY C 1 -50.60 -31.44 -14.17
C GLY C 1 -50.73 -31.47 -12.65
N LEU C 2 -49.67 -31.72 -11.89
CA LEU C 2 -49.77 -31.68 -10.44
C LEU C 2 -50.16 -30.27 -10.01
N PRO C 3 -51.22 -30.05 -9.26
CA PRO C 3 -51.52 -28.72 -8.77
C PRO C 3 -50.44 -28.15 -7.88
N VAL C 4 -49.93 -27.00 -8.29
CA VAL C 4 -48.89 -26.32 -7.55
C VAL C 4 -49.22 -24.86 -7.27
N MET C 5 -48.57 -24.25 -6.29
CA MET C 5 -48.85 -22.85 -5.97
C MET C 5 -47.56 -22.12 -5.67
N ASN C 6 -47.22 -21.14 -6.49
CA ASN C 6 -45.96 -20.41 -6.34
C ASN C 6 -45.88 -19.58 -5.08
N THR C 7 -44.78 -19.65 -4.39
CA THR C 7 -44.62 -18.89 -3.18
C THR C 7 -43.80 -17.65 -3.40
N PRO C 8 -43.72 -16.72 -2.44
CA PRO C 8 -42.74 -15.67 -2.51
C PRO C 8 -41.31 -16.21 -2.63
N GLY C 9 -40.54 -15.45 -3.37
CA GLY C 9 -39.18 -15.84 -3.75
C GLY C 9 -39.16 -16.33 -5.18
N SER C 10 -40.30 -16.78 -5.72
CA SER C 10 -40.37 -17.26 -7.09
C SER C 10 -39.81 -16.33 -8.15
N ASN C 11 -38.92 -16.89 -8.96
CA ASN C 11 -38.20 -16.23 -10.05
C ASN C 11 -37.10 -15.26 -9.65
N GLN C 12 -36.82 -15.08 -8.37
CA GLN C 12 -35.72 -14.22 -7.99
C GLN C 12 -34.36 -14.87 -8.23
N TYR C 13 -34.26 -13.51 -7.85
CA TYR C 13 -32.91 -14.00 -7.84
C TYR C 13 -32.24 -13.53 -6.56
N LEU C 14 -32.13 -14.42 -5.59
CA LEU C 14 -31.39 -14.21 -4.38
C LEU C 14 -29.96 -14.64 -4.65
N THR C 15 -29.00 -13.73 -4.52
CA THR C 15 -27.62 -14.05 -4.88
C THR C 15 -26.96 -15.07 -3.96
N ALA C 16 -27.54 -15.29 -2.80
CA ALA C 16 -27.09 -16.34 -1.91
C ALA C 16 -27.88 -17.65 -2.07
N ASP C 17 -28.72 -17.79 -3.10
CA ASP C 17 -29.46 -19.03 -3.21
C ASP C 17 -28.57 -20.22 -3.54
N ASN C 18 -29.14 -21.41 -3.59
CA ASN C 18 -28.40 -22.62 -3.82
C ASN C 18 -29.30 -23.64 -4.51
N PHE C 19 -29.52 -23.42 -5.79
CA PHE C 19 -30.37 -24.26 -6.61
C PHE C 19 -29.62 -24.92 -7.75
N GLN C 20 -30.26 -25.93 -8.29
CA GLN C 20 -29.76 -26.56 -9.49
C GLN C 20 -30.00 -25.70 -10.72
N SER C 21 -29.27 -25.86 -11.79
CA SER C 21 -29.55 -25.16 -13.03
C SER C 21 -29.00 -25.95 -14.20
N PRO C 22 -29.54 -25.87 -15.42
CA PRO C 22 -29.10 -26.66 -16.55
C PRO C 22 -27.66 -26.39 -16.95
N CYS C 23 -26.95 -27.39 -17.44
CA CYS C 23 -25.56 -27.23 -17.83
C CYS C 23 -25.39 -26.74 -19.26
N ALA C 24 -24.65 -25.67 -19.56
CA ALA C 24 -24.47 -25.23 -20.93
C ALA C 24 -23.50 -26.07 -21.76
N LEU C 25 -22.73 -26.94 -21.09
CA LEU C 25 -21.77 -27.81 -21.76
C LEU C 25 -21.90 -29.27 -21.31
N PRO C 26 -23.01 -29.93 -21.68
CA PRO C 26 -23.33 -31.29 -21.26
C PRO C 26 -22.27 -32.25 -21.72
N GLU C 27 -22.01 -33.30 -20.93
CA GLU C 27 -21.01 -34.31 -21.27
C GLU C 27 -19.60 -33.79 -21.54
N PHE C 28 -19.29 -32.59 -21.06
CA PHE C 28 -17.94 -32.07 -21.17
C PHE C 28 -16.92 -33.01 -20.55
N ASP C 29 -15.80 -33.26 -21.19
CA ASP C 29 -14.79 -34.11 -20.58
C ASP C 29 -13.88 -33.38 -19.59
N VAL C 30 -14.31 -33.26 -18.35
CA VAL C 30 -13.59 -32.52 -17.33
C VAL C 30 -12.19 -33.03 -17.01
N THR C 31 -11.19 -32.17 -17.00
CA THR C 31 -9.89 -32.55 -16.51
C THR C 31 -9.90 -32.88 -15.03
N PRO C 32 -9.34 -34.01 -14.62
CA PRO C 32 -9.30 -34.47 -13.24
C PRO C 32 -8.38 -33.60 -12.41
N PRO C 33 -8.51 -33.57 -11.09
CA PRO C 33 -7.61 -32.86 -10.20
C PRO C 33 -6.29 -33.61 -10.13
N ILE C 34 -5.24 -32.93 -9.72
CA ILE C 34 -4.03 -33.58 -9.31
C ILE C 34 -3.83 -33.15 -7.86
N ASP C 35 -2.97 -33.80 -7.11
CA ASP C 35 -2.76 -33.44 -5.73
C ASP C 35 -1.79 -32.27 -5.57
N ILE C 36 -2.30 -31.07 -5.74
CA ILE C 36 -1.49 -29.87 -5.60
C ILE C 36 -1.18 -29.65 -4.13
N PRO C 37 0.05 -29.45 -3.70
CA PRO C 37 0.32 -29.08 -2.32
C PRO C 37 -0.37 -27.80 -1.86
N GLY C 38 -0.70 -27.69 -0.59
CA GLY C 38 -1.26 -26.46 -0.05
C GLY C 38 -2.76 -26.27 -0.12
N GLU C 39 -3.56 -27.33 -0.24
CA GLU C 39 -5.01 -27.13 -0.23
C GLU C 39 -5.52 -26.53 1.06
N VAL C 40 -6.48 -25.62 0.98
CA VAL C 40 -7.11 -25.02 2.15
C VAL C 40 -8.57 -25.46 2.26
N LYS C 41 -9.07 -25.86 3.41
CA LYS C 41 -10.49 -26.22 3.55
C LYS C 41 -11.37 -25.20 4.27
N ASN C 42 -10.79 -24.29 5.05
CA ASN C 42 -11.56 -23.30 5.80
C ASN C 42 -10.77 -22.00 5.95
N MET C 43 -11.38 -20.70 5.35
CA MET C 43 -10.66 -19.43 5.45
C MET C 43 -10.01 -19.23 6.81
N MET C 44 -10.54 -19.84 7.88
CA MET C 44 -9.91 -19.68 9.18
C MET C 44 -8.54 -20.35 9.27
N GLU C 45 -8.21 -21.28 8.38
CA GLU C 45 -6.85 -21.80 8.34
C GLU C 45 -5.87 -20.67 8.04
N LEU C 46 -6.25 -19.75 7.14
CA LEU C 46 -5.38 -18.63 6.79
C LEU C 46 -5.28 -17.66 7.97
N ALA C 47 -6.37 -17.48 8.70
CA ALA C 47 -6.37 -16.64 9.89
C ALA C 47 -5.48 -17.18 11.00
N GLU C 48 -5.22 -18.48 11.04
CA GLU C 48 -4.31 -19.02 12.05
C GLU C 48 -2.83 -18.84 11.72
N ILE C 49 -2.49 -18.30 10.55
CA ILE C 49 -1.08 -18.07 10.20
C ILE C 49 -0.60 -16.73 10.73
N ASP C 50 0.54 -16.66 11.42
CA ASP C 50 1.06 -15.36 11.82
C ASP C 50 1.30 -14.38 10.67
N THR C 51 0.71 -13.20 10.65
CA THR C 51 1.19 -12.18 9.72
C THR C 51 1.60 -10.91 10.47
N MET C 52 2.47 -10.10 9.86
CA MET C 52 3.11 -8.99 10.56
C MET C 52 2.28 -7.71 10.68
N ILE C 53 2.24 -7.11 11.86
CA ILE C 53 1.41 -5.94 12.12
C ILE C 53 2.06 -4.61 11.72
N PRO C 54 1.41 -3.74 10.94
CA PRO C 54 1.92 -2.40 10.61
C PRO C 54 1.68 -1.51 11.85
N PHE C 55 2.43 -1.66 12.93
CA PHE C 55 2.19 -0.90 14.15
C PHE C 55 2.37 0.59 14.07
N ASP C 56 3.39 1.04 13.34
CA ASP C 56 3.70 2.44 13.36
C ASP C 56 3.17 3.18 12.13
N LEU C 57 1.92 3.60 12.18
CA LEU C 57 1.33 4.30 11.05
C LEU C 57 1.43 5.82 11.14
N SER C 58 2.61 6.30 11.50
CA SER C 58 2.80 7.74 11.56
C SER C 58 2.78 8.30 10.14
N ALA C 59 2.53 9.60 9.99
CA ALA C 59 2.46 10.19 8.67
C ALA C 59 3.65 9.90 7.76
N THR C 60 4.84 9.79 8.32
CA THR C 60 5.97 9.47 7.46
C THR C 60 6.28 7.99 7.37
N LYS C 61 5.80 7.15 8.29
CA LYS C 61 6.09 5.74 8.18
C LYS C 61 5.02 4.89 7.52
N LYS C 62 3.76 5.32 7.57
CA LYS C 62 2.68 4.56 6.99
C LYS C 62 2.91 4.30 5.51
N ASN C 63 2.50 3.15 4.98
CA ASN C 63 2.74 2.81 3.57
C ASN C 63 4.21 2.76 3.18
N THR C 64 5.08 2.42 4.12
CA THR C 64 6.47 2.15 3.82
C THR C 64 6.89 0.94 4.66
N MET C 65 8.01 0.27 4.38
CA MET C 65 8.52 -0.82 5.21
C MET C 65 8.71 -0.42 6.67
N GLU C 66 8.90 0.87 6.96
CA GLU C 66 9.11 1.30 8.34
C GLU C 66 7.89 1.12 9.21
N MET C 67 6.68 1.06 8.65
CA MET C 67 5.50 0.88 9.47
C MET C 67 5.47 -0.41 10.28
N TYR C 68 6.23 -1.43 9.86
CA TYR C 68 6.27 -2.70 10.56
C TYR C 68 7.27 -2.74 11.69
N ARG C 69 8.16 -1.76 11.79
CA ARG C 69 9.21 -1.78 12.80
C ARG C 69 8.90 -0.99 14.05
N VAL C 70 8.85 -1.64 15.21
CA VAL C 70 8.67 -0.91 16.43
C VAL C 70 10.05 -0.67 17.05
N ARG C 71 10.46 0.59 17.10
CA ARG C 71 11.78 0.87 17.61
C ARG C 71 11.93 0.90 19.13
N LEU C 72 12.87 0.15 19.64
CA LEU C 72 13.21 0.20 21.04
C LEU C 72 14.60 0.82 21.23
N SER C 73 14.97 1.17 22.46
CA SER C 73 16.34 1.59 22.68
C SER C 73 16.78 1.25 24.09
N ASP C 74 18.06 1.39 24.41
CA ASP C 74 18.53 1.07 25.74
C ASP C 74 18.33 2.18 26.77
N LYS C 75 17.42 3.10 26.51
CA LYS C 75 17.19 4.20 27.43
C LYS C 75 16.77 3.74 28.83
N PRO C 76 16.97 4.52 29.87
CA PRO C 76 16.56 4.15 31.21
C PRO C 76 15.11 3.75 31.33
N HIS C 77 14.85 2.89 32.30
CA HIS C 77 13.50 2.40 32.51
C HIS C 77 12.48 3.51 32.55
N THR C 78 11.42 3.28 31.83
CA THR C 78 10.26 4.16 31.89
C THR C 78 9.03 3.28 32.09
N ASP C 79 7.96 3.78 32.69
CA ASP C 79 6.70 3.07 32.72
C ASP C 79 5.75 3.46 31.61
N ASP C 80 6.24 4.26 30.67
CA ASP C 80 5.43 4.68 29.55
C ASP C 80 5.39 3.68 28.41
N PRO C 81 4.32 3.58 27.64
CA PRO C 81 4.13 2.53 26.65
C PRO C 81 5.07 2.54 25.47
N ILE C 82 5.48 1.38 24.96
CA ILE C 82 6.15 1.28 23.68
C ILE C 82 5.09 1.37 22.57
N LEU C 83 3.94 0.75 22.75
CA LEU C 83 2.89 0.79 21.74
C LEU C 83 1.53 0.59 22.41
N CYS C 84 0.49 1.07 21.77
CA CYS C 84 -0.87 0.96 22.26
C CYS C 84 -1.77 0.64 21.08
N LEU C 85 -2.60 -0.38 21.21
CA LEU C 85 -3.42 -0.82 20.09
C LEU C 85 -4.78 -1.27 20.61
N SER C 86 -5.86 -1.02 19.89
CA SER C 86 -7.18 -1.49 20.33
C SER C 86 -7.54 -2.86 19.84
N LEU C 87 -8.16 -3.73 20.63
CA LEU C 87 -8.53 -5.05 20.13
C LEU C 87 -9.82 -5.00 19.31
N SER C 88 -9.63 -4.46 18.11
CA SER C 88 -10.68 -4.39 17.10
C SER C 88 -10.09 -4.93 15.81
N PRO C 89 -10.01 -6.25 15.64
CA PRO C 89 -9.13 -6.89 14.67
C PRO C 89 -9.55 -6.54 13.24
N ALA C 90 -10.78 -6.19 12.95
CA ALA C 90 -11.16 -5.82 11.59
C ALA C 90 -11.22 -4.33 11.31
N SER C 91 -10.99 -3.50 12.31
CA SER C 91 -11.19 -2.08 12.10
C SER C 91 -10.14 -1.18 12.69
N ASP C 92 -9.36 -1.56 13.69
CA ASP C 92 -8.21 -0.76 14.09
C ASP C 92 -7.24 -0.77 12.89
N PRO C 93 -6.71 0.35 12.42
CA PRO C 93 -5.88 0.43 11.20
C PRO C 93 -4.63 -0.42 11.24
N ARG C 94 -4.12 -0.71 12.43
CA ARG C 94 -2.97 -1.58 12.55
C ARG C 94 -3.29 -3.07 12.39
N LEU C 95 -4.52 -3.48 12.64
CA LEU C 95 -4.88 -4.90 12.52
C LEU C 95 -5.69 -5.21 11.27
N SER C 96 -6.46 -4.24 10.77
CA SER C 96 -7.40 -4.54 9.69
C SER C 96 -6.80 -4.96 8.35
N HIS C 97 -5.53 -4.70 8.12
CA HIS C 97 -4.92 -5.13 6.86
C HIS C 97 -3.95 -6.29 7.04
N THR C 98 -3.94 -6.88 8.24
CA THR C 98 -3.22 -8.14 8.42
C THR C 98 -4.04 -9.26 7.76
N MET C 99 -3.53 -10.45 7.46
CA MET C 99 -4.37 -11.50 6.88
C MET C 99 -5.62 -11.79 7.73
N LEU C 100 -5.48 -11.82 9.06
CA LEU C 100 -6.64 -11.98 9.92
C LEU C 100 -7.68 -10.88 9.72
N GLY C 101 -7.21 -9.62 9.73
CA GLY C 101 -8.10 -8.49 9.52
C GLY C 101 -8.78 -8.48 8.15
N GLU C 102 -8.04 -8.82 7.09
CA GLU C 102 -8.62 -8.75 5.77
C GLU C 102 -9.65 -9.88 5.57
N ILE C 103 -9.50 -11.04 6.20
CA ILE C 103 -10.55 -12.07 6.16
C ILE C 103 -11.74 -11.67 7.03
N LEU C 104 -11.50 -11.09 8.20
CA LEU C 104 -12.60 -10.60 9.03
C LEU C 104 -13.40 -9.50 8.34
N ASN C 105 -12.82 -8.76 7.38
CA ASN C 105 -13.63 -7.79 6.68
C ASN C 105 -14.56 -8.34 5.60
N TYR C 106 -14.56 -9.66 5.39
CA TYR C 106 -15.59 -10.31 4.60
C TYR C 106 -16.67 -10.94 5.48
N TYR C 107 -16.62 -10.71 6.79
CA TYR C 107 -17.64 -11.23 7.69
C TYR C 107 -18.11 -10.15 8.65
N THR C 108 -19.32 -10.26 9.15
CA THR C 108 -19.88 -9.26 10.06
C THR C 108 -19.53 -9.51 11.50
N HIS C 109 -19.34 -10.78 11.84
CA HIS C 109 -19.13 -11.17 13.23
C HIS C 109 -17.88 -12.00 13.47
N TRP C 110 -17.16 -11.79 14.55
CA TRP C 110 -16.01 -12.61 14.88
C TRP C 110 -16.06 -13.09 16.32
N ALA C 111 -15.45 -14.22 16.60
CA ALA C 111 -15.38 -14.68 17.98
C ALA C 111 -14.20 -15.61 18.21
N GLY C 112 -13.71 -15.64 19.45
CA GLY C 112 -12.59 -16.52 19.77
C GLY C 112 -11.33 -15.80 20.24
N SER C 113 -10.37 -16.60 20.61
CA SER C 113 -9.08 -16.12 21.06
C SER C 113 -8.10 -15.85 19.94
N LEU C 114 -7.26 -14.87 20.21
CA LEU C 114 -6.22 -14.36 19.31
C LEU C 114 -4.88 -14.45 19.98
N LYS C 115 -3.80 -14.32 19.24
CA LYS C 115 -2.49 -14.27 19.85
C LYS C 115 -1.51 -13.37 19.13
N PHE C 116 -0.74 -12.65 19.93
CA PHE C 116 0.27 -11.72 19.44
C PHE C 116 1.65 -12.24 19.74
N THR C 117 2.47 -12.40 18.73
CA THR C 117 3.83 -12.84 18.97
C THR C 117 4.82 -11.77 18.56
N PHE C 118 5.73 -11.44 19.45
CA PHE C 118 6.76 -10.46 19.13
C PHE C 118 8.14 -11.07 18.90
N LEU C 119 8.84 -10.60 17.87
CA LEU C 119 10.19 -11.03 17.54
C LEU C 119 11.22 -9.95 17.85
N PHE C 120 12.22 -10.23 18.69
CA PHE C 120 13.25 -9.25 18.98
C PHE C 120 14.31 -9.25 17.87
N CYS C 121 14.56 -8.13 17.21
CA CYS C 121 15.58 -8.11 16.17
C CYS C 121 16.84 -7.30 16.50
N GLY C 122 17.13 -7.13 17.78
CA GLY C 122 18.40 -6.50 18.14
C GLY C 122 19.56 -7.47 18.01
N SER C 123 20.75 -7.06 18.42
CA SER C 123 21.88 -7.98 18.37
C SER C 123 21.82 -9.06 19.43
N MET C 124 22.63 -10.11 19.34
CA MET C 124 22.63 -11.18 20.34
C MET C 124 23.10 -10.67 21.70
N MET C 125 23.97 -9.67 21.70
CA MET C 125 24.46 -9.08 22.92
C MET C 125 23.42 -8.21 23.65
N ALA C 126 22.29 -7.86 23.02
CA ALA C 126 21.30 -7.06 23.71
C ALA C 126 20.37 -7.88 24.59
N THR C 127 20.09 -7.41 25.81
CA THR C 127 19.17 -8.12 26.66
C THR C 127 18.00 -7.23 27.07
N GLY C 128 17.00 -7.80 27.73
CA GLY C 128 15.90 -6.99 28.20
C GLY C 128 14.67 -7.78 28.61
N LYS C 129 13.84 -7.14 29.42
CA LYS C 129 12.56 -7.71 29.76
C LYS C 129 11.47 -6.73 29.42
N LEU C 130 10.45 -7.19 28.73
CA LEU C 130 9.32 -6.36 28.35
C LEU C 130 8.03 -6.93 28.93
N LEU C 131 6.98 -6.13 29.05
CA LEU C 131 5.71 -6.61 29.54
C LEU C 131 4.68 -6.39 28.44
N VAL C 132 4.03 -7.46 28.00
CA VAL C 132 3.01 -7.39 26.98
C VAL C 132 1.68 -7.58 27.66
N SER C 133 0.73 -6.70 27.40
CA SER C 133 -0.53 -6.68 28.11
C SER C 133 -1.81 -6.61 27.31
N TYR C 134 -2.83 -7.29 27.80
CA TYR C 134 -4.18 -7.20 27.27
C TYR C 134 -5.12 -6.83 28.42
N ALA C 135 -5.77 -5.70 28.30
CA ALA C 135 -6.73 -5.26 29.29
C ALA C 135 -8.12 -5.32 28.70
N PRO C 136 -8.99 -6.24 29.11
CA PRO C 136 -10.37 -6.24 28.67
C PRO C 136 -11.09 -4.93 28.96
N PRO C 137 -12.08 -4.53 28.17
CA PRO C 137 -12.56 -3.16 28.08
C PRO C 137 -13.32 -2.72 29.33
N GLY C 138 -13.69 -1.45 29.37
CA GLY C 138 -14.54 -0.96 30.45
C GLY C 138 -13.84 -0.09 31.47
N ALA C 139 -12.53 0.06 31.42
CA ALA C 139 -11.81 0.94 32.32
C ALA C 139 -10.91 1.87 31.52
N ASP C 140 -10.23 2.81 32.18
CA ASP C 140 -9.28 3.67 31.49
C ASP C 140 -8.24 2.88 30.74
N PRO C 141 -8.04 3.07 29.45
CA PRO C 141 -7.05 2.33 28.70
C PRO C 141 -5.67 2.49 29.27
N PRO C 142 -4.86 1.45 29.44
CA PRO C 142 -3.61 1.59 30.16
C PRO C 142 -2.61 2.48 29.45
N LYS C 143 -2.14 3.48 30.16
CA LYS C 143 -1.05 4.31 29.64
C LYS C 143 0.18 4.24 30.50
N LYS C 144 0.11 3.51 31.58
CA LYS C 144 1.25 3.28 32.46
C LYS C 144 1.36 1.81 32.77
N ARG C 145 2.58 1.32 32.95
CA ARG C 145 2.76 -0.09 33.30
C ARG C 145 1.94 -0.55 34.52
N LYS C 146 1.81 0.30 35.52
CA LYS C 146 1.02 0.03 36.72
C LYS C 146 -0.39 -0.45 36.42
N GLU C 147 -1.04 0.20 35.46
CA GLU C 147 -2.36 -0.26 35.07
C GLU C 147 -2.31 -1.45 34.14
N ALA C 148 -1.40 -1.46 33.17
CA ALA C 148 -1.36 -2.59 32.24
C ALA C 148 -1.08 -3.94 32.89
N MET C 149 -0.29 -3.89 33.94
CA MET C 149 0.16 -5.04 34.71
C MET C 149 -0.99 -5.71 35.48
N LEU C 150 -2.07 -4.99 35.68
CA LEU C 150 -3.25 -5.56 36.33
C LEU C 150 -4.12 -6.40 35.42
N GLY C 151 -3.96 -6.30 34.10
CA GLY C 151 -4.72 -7.15 33.20
C GLY C 151 -3.99 -8.42 32.81
N THR C 152 -4.43 -9.09 31.74
CA THR C 152 -3.77 -10.27 31.22
C THR C 152 -2.41 -9.85 30.73
N HIS C 153 -1.33 -10.54 31.05
CA HIS C 153 -0.05 -10.13 30.50
C HIS C 153 1.04 -11.17 30.54
N VAL C 154 2.05 -11.00 29.71
CA VAL C 154 3.21 -11.86 29.71
C VAL C 154 4.44 -11.00 29.90
N ILE C 155 5.32 -11.35 30.84
CA ILE C 155 6.59 -10.68 30.96
C ILE C 155 7.60 -11.46 30.12
N TRP C 156 8.07 -10.85 29.06
CA TRP C 156 9.00 -11.45 28.12
C TRP C 156 10.45 -11.21 28.45
N ASP C 157 11.17 -12.30 28.66
CA ASP C 157 12.60 -12.21 28.82
C ASP C 157 13.31 -12.44 27.49
N ILE C 158 14.03 -11.46 27.00
CA ILE C 158 14.71 -11.60 25.71
C ILE C 158 15.90 -12.54 25.81
N GLY C 159 16.09 -13.41 24.85
CA GLY C 159 17.17 -14.37 24.95
C GLY C 159 17.25 -15.30 23.76
N LEU C 160 17.79 -16.51 23.87
CA LEU C 160 17.95 -17.37 22.70
C LEU C 160 16.63 -17.72 22.03
N GLN C 161 15.54 -18.00 22.76
CA GLN C 161 14.25 -18.12 22.09
C GLN C 161 13.88 -16.68 21.81
N SER C 162 13.99 -16.32 20.55
CA SER C 162 13.85 -14.95 20.07
C SER C 162 12.54 -14.21 20.21
N SER C 163 11.51 -15.02 20.35
CA SER C 163 10.15 -14.52 20.30
C SER C 163 9.27 -14.88 21.45
N CYS C 164 8.20 -14.12 21.65
CA CYS C 164 7.31 -14.40 22.76
C CYS C 164 5.86 -14.17 22.40
N THR C 165 4.99 -15.07 22.82
CA THR C 165 3.59 -15.02 22.45
C THR C 165 2.69 -14.63 23.61
N MET C 166 1.82 -13.65 23.47
CA MET C 166 0.79 -13.42 24.47
C MET C 166 -0.54 -13.85 23.85
N VAL C 167 -1.30 -14.69 24.54
CA VAL C 167 -2.62 -15.07 24.07
C VAL C 167 -3.66 -14.09 24.62
N VAL C 168 -4.50 -13.58 23.74
CA VAL C 168 -5.63 -12.74 24.11
C VAL C 168 -6.84 -13.66 24.22
N PRO C 169 -7.19 -14.14 25.41
CA PRO C 169 -8.24 -15.12 25.57
C PRO C 169 -9.55 -14.48 25.17
N TRP C 170 -10.45 -15.21 24.54
CA TRP C 170 -11.77 -14.69 24.26
C TRP C 170 -12.50 -14.28 25.54
N ILE C 171 -12.58 -13.01 25.79
CA ILE C 171 -13.30 -12.49 26.95
C ILE C 171 -14.24 -11.42 26.38
N SER C 172 -15.52 -11.74 26.37
CA SER C 172 -16.52 -10.90 25.70
C SER C 172 -17.89 -11.03 26.30
N ASN C 173 -18.69 -9.99 26.29
CA ASN C 173 -20.07 -10.11 26.78
C ASN C 173 -20.89 -10.80 25.69
N THR C 174 -20.81 -10.36 24.45
CA THR C 174 -21.60 -10.99 23.41
C THR C 174 -20.96 -12.28 22.92
N THR C 175 -21.73 -13.16 22.30
CA THR C 175 -21.17 -14.41 21.79
C THR C 175 -20.36 -14.23 20.52
N TYR C 176 -20.54 -13.12 19.84
CA TYR C 176 -19.73 -12.71 18.71
C TYR C 176 -19.59 -11.20 18.76
N ARG C 177 -18.49 -10.67 18.28
CA ARG C 177 -18.32 -9.23 18.19
C ARG C 177 -18.50 -8.72 16.77
N GLN C 178 -18.79 -7.45 16.62
CA GLN C 178 -18.90 -6.86 15.28
C GLN C 178 -17.55 -6.66 14.62
N THR C 179 -17.42 -6.73 13.32
CA THR C 179 -16.15 -6.41 12.66
C THR C 179 -16.02 -4.94 12.26
N ILE C 180 -16.58 -4.06 13.07
CA ILE C 180 -16.46 -2.61 12.88
C ILE C 180 -16.18 -2.01 14.24
N ASP C 181 -15.74 -0.76 14.34
CA ASP C 181 -15.57 -0.14 15.65
C ASP C 181 -16.95 0.03 16.27
N ASP C 182 -17.15 -0.55 17.43
CA ASP C 182 -18.45 -0.51 18.05
C ASP C 182 -18.31 -0.61 19.55
N SER C 183 -18.86 0.30 20.32
CA SER C 183 -18.68 0.23 21.77
C SER C 183 -19.25 -0.96 22.50
N PHE C 184 -20.44 -1.36 22.11
CA PHE C 184 -21.08 -2.49 22.73
C PHE C 184 -20.26 -3.76 22.61
N THR C 185 -19.60 -3.95 21.47
CA THR C 185 -18.78 -5.14 21.34
C THR C 185 -17.32 -4.82 21.31
N GLU C 186 -16.92 -3.76 22.01
CA GLU C 186 -15.50 -3.43 22.09
C GLU C 186 -14.65 -4.54 22.72
N GLY C 187 -13.41 -4.70 22.30
CA GLY C 187 -12.58 -5.79 22.79
C GLY C 187 -11.51 -5.42 23.81
N GLY C 188 -11.19 -4.16 24.08
CA GLY C 188 -10.15 -3.89 25.05
C GLY C 188 -8.82 -3.41 24.47
N TYR C 189 -7.76 -3.52 25.24
CA TYR C 189 -6.52 -2.82 24.93
C TYR C 189 -5.25 -3.65 24.96
N ILE C 190 -4.46 -3.58 23.90
CA ILE C 190 -3.18 -4.26 23.84
C ILE C 190 -2.08 -3.24 24.00
N SER C 191 -1.12 -3.51 24.89
CA SER C 191 -0.02 -2.59 25.04
C SER C 191 1.28 -3.28 25.41
N VAL C 192 2.42 -2.65 25.11
CA VAL C 192 3.72 -3.22 25.45
C VAL C 192 4.51 -2.19 26.25
N PHE C 193 5.17 -2.59 27.31
CA PHE C 193 5.94 -1.73 28.19
C PHE C 193 7.34 -2.26 28.45
N TYR C 194 8.29 -1.42 28.83
CA TYR C 194 9.58 -1.90 29.29
C TYR C 194 9.41 -2.44 30.70
N GLN C 195 9.83 -3.67 30.97
CA GLN C 195 9.73 -4.21 32.32
C GLN C 195 10.98 -3.82 33.10
N THR C 196 12.15 -4.09 32.54
CA THR C 196 13.40 -3.55 33.11
C THR C 196 13.86 -2.52 32.10
N ARG C 197 14.87 -2.71 31.27
CA ARG C 197 15.17 -1.84 30.14
C ARG C 197 15.98 -2.65 29.15
N ILE C 198 16.16 -2.21 27.90
CA ILE C 198 17.07 -2.91 27.03
C ILE C 198 18.48 -2.57 27.49
N VAL C 199 19.34 -3.56 27.63
CA VAL C 199 20.71 -3.27 27.97
C VAL C 199 21.66 -3.83 26.91
N VAL C 200 22.64 -3.04 26.51
CA VAL C 200 23.65 -3.52 25.58
C VAL C 200 25.05 -3.24 26.14
N PRO C 201 26.08 -3.98 25.75
CA PRO C 201 27.44 -3.73 26.15
C PRO C 201 27.95 -2.58 25.24
N LEU C 202 29.20 -2.19 25.35
CA LEU C 202 29.76 -1.24 24.37
C LEU C 202 29.87 -1.84 22.97
N SER C 203 30.05 -1.02 21.95
CA SER C 203 30.24 -1.48 20.57
C SER C 203 29.06 -2.24 20.00
N THR C 204 27.90 -1.88 20.49
CA THR C 204 26.69 -2.57 20.16
C THR C 204 25.63 -1.57 19.78
N PRO C 205 24.75 -1.75 18.79
CA PRO C 205 23.65 -0.83 18.56
C PRO C 205 22.73 -0.66 19.76
N ARG C 206 22.52 0.61 20.11
CA ARG C 206 21.67 0.95 21.24
C ARG C 206 20.19 1.10 20.95
N GLU C 207 19.88 1.05 19.67
CA GLU C 207 18.52 1.09 19.20
C GLU C 207 18.28 -0.12 18.32
N MET C 208 17.10 -0.68 18.37
CA MET C 208 16.80 -1.84 17.55
C MET C 208 15.30 -2.01 17.42
N ASP C 209 14.87 -2.86 16.53
CA ASP C 209 13.48 -3.08 16.29
C ASP C 209 12.91 -4.39 16.80
N ILE C 210 11.64 -4.35 17.15
CA ILE C 210 10.91 -5.58 17.32
C ILE C 210 9.80 -5.60 16.26
N LEU C 211 9.40 -6.79 15.86
CA LEU C 211 8.33 -6.98 14.90
C LEU C 211 7.23 -7.76 15.60
N GLY C 212 5.97 -7.47 15.35
CA GLY C 212 4.87 -8.18 15.96
C GLY C 212 3.98 -8.89 14.95
N PHE C 213 3.43 -10.01 15.36
CA PHE C 213 2.57 -10.80 14.49
C PHE C 213 1.25 -11.15 15.17
N VAL C 214 0.18 -11.25 14.40
CA VAL C 214 -1.08 -11.67 14.96
C VAL C 214 -1.65 -12.87 14.20
N SER C 215 -2.27 -13.77 14.96
CA SER C 215 -2.96 -14.90 14.37
C SER C 215 -4.12 -15.39 15.24
N ALA C 216 -5.08 -16.06 14.65
CA ALA C 216 -6.20 -16.62 15.40
C ALA C 216 -5.85 -17.93 16.10
N CYS C 217 -6.50 -18.25 17.22
CA CYS C 217 -6.32 -19.55 17.86
C CYS C 217 -7.27 -20.59 17.27
N ASN C 218 -7.22 -21.85 17.68
CA ASN C 218 -8.13 -22.86 17.12
C ASN C 218 -9.57 -22.72 17.59
N ASP C 219 -9.91 -21.77 18.44
CA ASP C 219 -11.31 -21.60 18.83
C ASP C 219 -11.96 -20.41 18.11
N PHE C 220 -11.31 -19.92 17.06
CA PHE C 220 -11.74 -18.71 16.40
C PHE C 220 -12.68 -18.94 15.24
N SER C 221 -13.75 -18.19 15.17
CA SER C 221 -14.66 -18.31 14.03
C SER C 221 -15.26 -16.99 13.61
N VAL C 222 -15.78 -16.97 12.40
CA VAL C 222 -16.45 -15.81 11.87
C VAL C 222 -17.77 -16.20 11.23
N ARG C 223 -18.65 -15.23 11.08
CA ARG C 223 -19.91 -15.50 10.39
C ARG C 223 -20.53 -14.22 9.81
N LEU C 224 -21.60 -14.45 9.07
CA LEU C 224 -22.35 -13.51 8.26
C LEU C 224 -21.49 -12.84 7.21
N LEU C 225 -21.36 -13.56 6.10
CA LEU C 225 -20.58 -13.14 4.97
C LEU C 225 -21.04 -11.76 4.49
N ARG C 226 -20.11 -10.91 4.13
CA ARG C 226 -20.41 -9.56 3.68
C ARG C 226 -19.31 -9.04 2.76
N ASP C 227 -19.60 -8.04 1.95
CA ASP C 227 -18.53 -7.41 1.18
C ASP C 227 -17.59 -6.56 2.02
N THR C 228 -16.38 -6.43 1.53
CA THR C 228 -15.37 -5.68 2.27
C THR C 228 -15.33 -4.25 1.83
N THR C 229 -14.89 -3.35 2.67
CA THR C 229 -14.62 -1.98 2.24
C THR C 229 -13.19 -1.88 1.75
N HIS C 230 -12.43 -2.96 1.73
CA HIS C 230 -11.04 -2.84 1.32
C HIS C 230 -10.75 -2.88 -0.17
N ILE C 231 -11.75 -2.88 -1.03
CA ILE C 231 -11.51 -2.79 -2.46
C ILE C 231 -12.71 -2.07 -3.02
N GLU C 232 -12.51 -1.35 -4.11
CA GLU C 232 -13.63 -0.68 -4.78
C GLU C 232 -13.29 -0.49 -6.24
N GLN C 233 -14.26 -0.02 -6.98
CA GLN C 233 -14.07 0.15 -8.40
C GLN C 233 -14.79 1.44 -8.69
N LYS C 234 -14.08 2.53 -8.86
CA LYS C 234 -14.79 3.79 -9.10
C LYS C 234 -15.06 4.06 -10.58
N ALA C 235 -16.39 4.02 -10.83
CA ALA C 235 -16.96 4.11 -12.17
C ALA C 235 -16.47 2.87 -12.97
C1 MYR D 1 -34.39 -42.31 -5.74
O1 MYR D 1 -34.15 -41.40 -6.49
C2 MYR D 1 -35.70 -43.06 -5.72
C3 MYR D 1 -36.84 -42.38 -4.82
C4 MYR D 1 -37.59 -41.55 -5.83
C5 MYR D 1 -38.32 -40.56 -4.98
C6 MYR D 1 -39.18 -39.59 -5.80
C7 MYR D 1 -38.40 -38.83 -6.86
C8 MYR D 1 -38.98 -37.40 -6.97
C9 MYR D 1 -38.97 -36.90 -8.41
C10 MYR D 1 -37.58 -36.95 -9.08
C11 MYR D 1 -37.83 -36.83 -10.59
C12 MYR D 1 -36.64 -37.10 -11.51
C13 MYR D 1 -35.77 -35.86 -11.61
C14 MYR D 1 -35.11 -35.74 -13.01
N GLY D 2 -33.87 -42.41 -5.36
CA GLY D 2 -32.44 -42.31 -4.96
C GLY D 2 -32.12 -41.11 -4.04
N ALA D 3 -32.88 -41.04 -2.96
CA ALA D 3 -32.79 -39.92 -2.06
C ALA D 3 -31.66 -39.98 -1.05
N GLN D 4 -31.05 -38.84 -0.83
CA GLN D 4 -30.05 -38.74 0.21
C GLN D 4 -30.69 -38.07 1.42
N VAL D 5 -30.65 -38.74 2.54
CA VAL D 5 -31.20 -38.18 3.75
C VAL D 5 -30.07 -37.83 4.70
N SER D 6 -30.00 -36.60 5.16
CA SER D 6 -28.93 -36.23 6.07
C SER D 6 -29.44 -35.45 7.25
N SER D 7 -28.63 -35.30 8.27
CA SER D 7 -29.14 -34.58 9.41
C SER D 7 -28.76 -33.11 9.42
N GLN D 8 -29.63 -32.32 10.01
CA GLN D 8 -29.36 -30.91 10.20
C GLN D 8 -28.70 -30.67 11.54
N LYS D 9 -27.81 -29.68 11.69
CA LYS D 9 -27.29 -29.31 13.00
C LYS D 9 -28.26 -28.26 13.55
N VAL D 10 -29.18 -28.62 14.45
CA VAL D 10 -30.15 -27.60 14.87
C VAL D 10 -29.67 -26.53 15.86
N GLY D 11 -29.74 -25.27 15.42
CA GLY D 11 -29.41 -24.13 16.31
C GLY D 11 -30.54 -23.70 17.28
N ALA D 12 -31.47 -22.80 16.90
CA ALA D 12 -32.64 -22.52 17.76
C ALA D 12 -33.62 -23.72 17.65
N HIS D 13 -34.08 -24.24 18.78
CA HIS D 13 -35.00 -25.38 18.78
C HIS D 13 -36.37 -24.86 19.15
N GLU D 14 -37.38 -25.29 18.43
CA GLU D 14 -38.71 -24.86 18.83
C GLU D 14 -39.10 -25.60 20.11
N ASN D 15 -40.01 -25.11 20.97
CA ASN D 15 -40.56 -25.95 22.04
C ASN D 15 -41.20 -27.30 21.58
N SER D 16 -40.45 -28.24 20.99
CA SER D 16 -41.04 -29.48 20.44
C SER D 16 -40.05 -30.65 20.36
N ASN D 17 -40.53 -31.82 20.80
CA ASN D 17 -39.74 -33.09 20.82
C ASN D 17 -40.70 -34.28 20.56
N ARG D 18 -41.56 -34.02 19.57
CA ARG D 18 -42.49 -35.07 19.09
C ARG D 18 -42.79 -34.65 17.63
N ALA D 19 -41.78 -33.92 17.10
CA ALA D 19 -41.93 -33.33 15.79
C ALA D 19 -40.71 -32.46 15.51
N TYR D 20 -40.46 -31.32 16.19
CA TYR D 20 -39.27 -30.56 15.73
C TYR D 20 -38.04 -30.86 16.61
N GLY D 21 -37.65 -29.81 17.35
CA GLY D 21 -36.31 -29.62 17.93
C GLY D 21 -35.38 -30.80 18.21
N GLY D 22 -35.95 -31.87 18.79
CA GLY D 22 -35.09 -32.92 19.36
C GLY D 22 -34.82 -34.17 18.52
N SER D 23 -35.82 -35.06 18.37
CA SER D 23 -35.65 -36.28 17.56
C SER D 23 -35.08 -36.09 16.13
N THR D 24 -33.72 -35.91 16.10
CA THR D 24 -32.82 -35.57 14.95
C THR D 24 -33.56 -35.06 13.73
N ILE D 25 -33.35 -33.81 13.34
CA ILE D 25 -34.11 -33.40 12.18
C ILE D 25 -33.26 -33.55 10.93
N ASN D 26 -33.83 -34.34 10.05
CA ASN D 26 -33.19 -34.63 8.79
C ASN D 26 -33.69 -33.81 7.62
N TYR D 27 -32.98 -33.83 6.50
CA TYR D 27 -33.45 -33.20 5.29
C TYR D 27 -33.10 -34.10 4.12
N THR D 28 -33.78 -33.86 3.01
CA THR D 28 -33.67 -34.75 1.86
C THR D 28 -33.16 -34.10 0.61
N THR D 29 -32.27 -34.78 -0.07
CA THR D 29 -31.77 -34.28 -1.34
C THR D 29 -31.88 -35.33 -2.43
N ILE D 30 -32.39 -34.94 -3.59
CA ILE D 30 -32.42 -35.81 -4.75
C ILE D 30 -31.78 -35.04 -5.90
N ASN D 31 -30.76 -35.59 -6.54
CA ASN D 31 -30.18 -34.91 -7.69
C ASN D 31 -30.98 -35.13 -8.95
N TYR D 32 -31.28 -34.07 -9.67
CA TYR D 32 -32.10 -34.19 -10.85
C TYR D 32 -31.30 -34.27 -12.13
N TYR D 33 -29.99 -34.07 -12.09
CA TYR D 33 -29.23 -34.00 -13.32
C TYR D 33 -28.12 -35.01 -13.45
N ARG D 34 -27.81 -35.44 -14.66
CA ARG D 34 -26.68 -36.34 -14.85
C ARG D 34 -25.33 -35.70 -14.58
N ASP D 35 -25.15 -34.42 -14.88
CA ASP D 35 -23.87 -33.78 -14.64
C ASP D 35 -23.71 -33.37 -13.19
N SER D 36 -22.63 -33.79 -12.56
CA SER D 36 -22.47 -33.43 -11.16
C SER D 36 -22.23 -31.94 -10.94
N ALA D 37 -21.76 -31.21 -11.95
CA ALA D 37 -21.66 -29.77 -11.86
C ALA D 37 -23.01 -29.10 -11.61
N SER D 38 -24.09 -29.76 -12.01
CA SER D 38 -25.41 -29.26 -11.73
C SER D 38 -25.84 -29.36 -10.29
N ASN D 39 -25.19 -30.21 -9.51
CA ASN D 39 -25.58 -30.38 -8.13
C ASN D 39 -25.44 -29.17 -7.23
N ALA D 40 -26.32 -29.07 -6.26
CA ALA D 40 -26.12 -28.10 -5.21
C ALA D 40 -24.85 -28.42 -4.39
N ALA D 41 -24.36 -27.55 -3.53
CA ALA D 41 -23.23 -27.86 -2.69
C ALA D 41 -23.71 -28.65 -1.49
N SER D 42 -23.07 -29.72 -1.04
CA SER D 42 -23.63 -30.39 0.14
C SER D 42 -23.29 -29.71 1.45
N LYS D 43 -22.20 -28.96 1.49
CA LYS D 43 -21.66 -28.29 2.68
C LYS D 43 -21.21 -29.25 3.78
N GLN D 44 -21.20 -30.56 3.52
CA GLN D 44 -20.75 -31.55 4.51
C GLN D 44 -19.23 -31.61 4.35
N ASP D 45 -18.52 -30.62 4.88
CA ASP D 45 -17.10 -30.53 4.55
C ASP D 45 -16.11 -30.92 5.62
N PHE D 46 -14.89 -31.24 5.25
CA PHE D 46 -13.90 -31.65 6.23
C PHE D 46 -12.94 -30.59 6.66
N SER D 47 -12.43 -30.76 7.87
CA SER D 47 -11.39 -29.88 8.35
C SER D 47 -10.08 -30.62 8.34
N GLN D 48 -8.98 -29.91 8.54
CA GLN D 48 -7.68 -30.55 8.66
C GLN D 48 -6.84 -29.78 9.65
N ASP D 49 -5.80 -30.43 10.09
CA ASP D 49 -4.77 -29.82 10.93
C ASP D 49 -4.01 -28.74 10.12
N PRO D 50 -3.70 -27.56 10.67
CA PRO D 50 -3.08 -26.45 9.95
C PRO D 50 -1.57 -26.65 9.81
N SER D 51 -1.01 -27.74 10.34
CA SER D 51 0.43 -27.94 10.40
C SER D 51 1.29 -27.76 9.19
N LYS D 52 0.73 -27.99 8.01
CA LYS D 52 1.52 -27.80 6.83
C LYS D 52 1.86 -26.31 6.63
N PHE D 53 1.12 -25.41 7.29
CA PHE D 53 1.38 -23.98 7.25
C PHE D 53 1.95 -23.48 8.57
N THR D 54 1.45 -23.98 9.71
CA THR D 54 1.88 -23.49 10.99
C THR D 54 3.12 -24.14 11.54
N GLU D 55 3.42 -25.38 11.12
CA GLU D 55 4.60 -26.06 11.62
C GLU D 55 5.34 -26.81 10.52
N PRO D 56 5.80 -26.19 9.42
CA PRO D 56 6.34 -26.90 8.27
C PRO D 56 7.79 -27.26 8.56
N ILE D 57 8.20 -27.53 9.79
CA ILE D 57 9.62 -27.78 10.06
C ILE D 57 9.90 -29.26 9.92
N LYS D 58 11.11 -29.63 9.55
CA LYS D 58 11.43 -31.03 9.35
C LYS D 58 11.42 -31.82 10.65
N ASP D 59 12.03 -31.33 11.72
CA ASP D 59 11.97 -32.04 13.00
C ASP D 59 10.86 -31.51 13.86
N VAL D 60 9.91 -32.39 14.16
CA VAL D 60 8.75 -32.17 15.03
C VAL D 60 8.84 -31.17 16.16
N LEU D 61 7.85 -30.31 16.26
CA LEU D 61 7.85 -29.33 17.34
C LEU D 61 7.16 -29.88 18.59
N ILE D 62 7.88 -29.94 19.70
CA ILE D 62 7.27 -30.27 20.99
C ILE D 62 7.13 -28.97 21.77
N LYS D 63 5.95 -28.40 21.92
CA LYS D 63 5.85 -27.06 22.49
C LYS D 63 6.40 -26.85 23.87
N THR D 64 6.41 -27.85 24.75
CA THR D 64 7.00 -27.64 26.07
C THR D 64 8.52 -27.59 26.05
N ALA D 65 9.12 -28.02 24.97
CA ALA D 65 10.56 -28.04 24.85
C ALA D 65 11.15 -26.77 24.23
N PRO D 66 12.45 -26.46 24.34
CA PRO D 66 13.07 -25.37 23.62
C PRO D 66 12.91 -25.62 22.13
N MET D 67 12.48 -24.65 21.36
CA MET D 67 12.45 -24.80 19.89
C MET D 67 13.86 -24.97 19.35
N LEU D 68 14.84 -24.30 19.96
CA LEU D 68 16.21 -24.48 19.49
C LEU D 68 17.05 -25.20 20.50
N ASN D 69 17.49 -26.35 20.03
CA ASN D 69 18.30 -27.21 20.86
C ASN D 69 19.29 -28.08 20.11
N ASP E 1 -34.41 16.89 -1.43
CA ASP E 1 -33.35 15.87 -1.13
C ASP E 1 -32.36 16.36 -0.08
N VAL E 2 -31.84 15.40 0.67
CA VAL E 2 -30.87 15.64 1.71
C VAL E 2 -29.48 15.84 1.09
N VAL E 3 -28.88 16.98 1.35
CA VAL E 3 -27.59 17.36 0.72
C VAL E 3 -26.56 17.82 1.74
N VAL E 4 -25.32 17.35 1.59
CA VAL E 4 -24.25 17.71 2.54
C VAL E 4 -23.54 18.98 2.11
N GLN E 5 -23.14 19.75 3.11
CA GLN E 5 -22.87 21.18 2.97
C GLN E 5 -21.53 21.50 3.58
N ALA E 6 -20.54 21.71 2.72
CA ALA E 6 -19.17 21.92 3.23
C ALA E 6 -18.32 22.70 2.24
N PRO E 7 -17.45 23.55 2.76
CA PRO E 7 -16.51 24.28 1.95
C PRO E 7 -15.65 23.36 1.12
N THR E 8 -15.23 23.86 -0.03
CA THR E 8 -14.41 23.09 -0.95
C THR E 8 -12.97 23.11 -0.50
N GLN E 9 -12.55 24.22 0.12
CA GLN E 9 -11.19 24.35 0.72
C GLN E 9 -11.19 25.00 2.11
N VAL E 10 -10.33 24.52 3.01
CA VAL E 10 -10.19 25.11 4.36
C VAL E 10 -8.71 25.35 4.70
N PRO E 11 -8.35 26.62 4.96
CA PRO E 11 -7.08 26.86 5.61
C PRO E 11 -7.36 26.92 7.10
N GLY E 12 -6.47 26.42 7.97
CA GLY E 12 -5.20 25.74 7.57
C GLY E 12 -3.88 26.29 8.11
N PHE E 13 -3.70 26.33 9.43
CA PHE E 13 -2.49 26.97 9.97
C PHE E 13 -1.49 26.07 10.71
N LEU E 14 -0.25 26.06 10.26
CA LEU E 14 0.76 25.18 10.85
C LEU E 14 0.85 25.38 12.34
N GLY E 15 0.80 24.29 13.08
CA GLY E 15 0.97 24.33 14.54
C GLY E 15 -0.22 24.89 15.31
N ASP E 16 -1.24 25.33 14.57
CA ASP E 16 -2.49 25.78 15.18
C ASP E 16 -3.48 24.68 15.14
N SER E 17 -4.75 25.04 15.25
CA SER E 17 -5.86 24.08 15.08
C SER E 17 -6.92 24.68 14.20
N VAL E 18 -7.58 23.83 13.41
CA VAL E 18 -8.66 24.32 12.53
C VAL E 18 -9.90 23.55 12.77
N THR E 19 -11.01 24.14 12.36
CA THR E 19 -12.25 23.44 12.27
C THR E 19 -12.64 23.23 10.84
N LEU E 20 -12.88 21.97 10.51
CA LEU E 20 -13.42 21.59 9.22
C LEU E 20 -14.96 21.58 9.33
N PRO E 21 -15.62 22.48 8.61
CA PRO E 21 -17.06 22.51 8.73
C PRO E 21 -17.68 21.53 7.79
N CYS E 22 -18.70 20.83 8.28
CA CYS E 22 -19.44 19.87 7.48
C CYS E 22 -20.81 19.72 8.05
N TYR E 23 -21.81 20.06 7.28
CA TYR E 23 -23.16 20.23 7.81
C TYR E 23 -24.19 19.62 6.86
N LEU E 24 -25.27 19.11 7.41
CA LEU E 24 -26.29 18.48 6.56
C LEU E 24 -27.55 19.35 6.38
N GLN E 25 -27.68 19.91 5.19
CA GLN E 25 -28.93 20.60 4.77
C GLN E 25 -29.99 19.56 4.59
N VAL E 26 -31.15 19.79 5.17
CA VAL E 26 -32.22 18.80 5.08
C VAL E 26 -33.58 19.49 4.93
N PRO E 27 -34.03 19.68 3.67
CA PRO E 27 -35.23 20.46 3.46
C PRO E 27 -36.36 20.07 4.39
N ASN E 28 -36.80 21.03 5.19
CA ASN E 28 -37.81 20.80 6.26
C ASN E 28 -39.08 20.12 5.77
N MET E 29 -39.19 19.95 4.46
CA MET E 29 -40.30 19.19 3.88
C MET E 29 -40.21 17.70 4.22
N GLU E 30 -39.06 17.09 3.91
CA GLU E 30 -38.89 15.63 4.11
C GLU E 30 -38.03 15.28 5.32
N VAL E 31 -38.27 14.06 5.82
CA VAL E 31 -37.67 13.58 7.06
C VAL E 31 -36.54 12.63 6.77
N THR E 32 -35.57 12.62 7.67
CA THR E 32 -34.45 11.68 7.59
C THR E 32 -33.92 11.33 8.97
N HIS E 33 -33.42 10.10 9.10
CA HIS E 33 -32.67 9.70 10.32
C HIS E 33 -31.22 9.40 10.04
N VAL E 34 -30.38 10.28 10.55
CA VAL E 34 -28.93 10.18 10.40
C VAL E 34 -28.32 9.48 11.59
N SER E 35 -27.71 8.32 11.28
CA SER E 35 -27.28 7.34 12.28
C SER E 35 -25.90 7.70 12.81
N GLN E 36 -24.96 7.94 11.91
CA GLN E 36 -23.62 8.35 12.33
C GLN E 36 -22.96 9.21 11.28
N LEU E 37 -21.77 9.74 11.60
CA LEU E 37 -21.04 10.57 10.69
C LEU E 37 -19.54 10.32 10.81
N THR E 38 -18.90 10.27 9.65
CA THR E 38 -17.56 9.74 9.53
C THR E 38 -16.71 10.68 8.75
N TRP E 39 -15.63 11.11 9.36
CA TRP E 39 -14.56 11.79 8.67
C TRP E 39 -13.50 10.81 8.31
N ALA E 40 -13.09 10.83 7.07
CA ALA E 40 -12.00 10.00 6.67
C ALA E 40 -10.96 10.78 5.89
N ARG E 41 -9.71 10.38 6.05
CA ARG E 41 -8.63 10.92 5.26
C ARG E 41 -8.81 10.35 3.87
N HIS E 42 -8.05 10.81 2.89
CA HIS E 42 -8.27 10.29 1.51
C HIS E 42 -7.65 8.95 1.28
N GLY E 43 -8.52 7.94 1.20
CA GLY E 43 -8.13 6.53 0.92
C GLY E 43 -7.19 5.94 1.97
N GLU E 44 -7.65 5.89 3.21
CA GLU E 44 -6.83 5.39 4.35
C GLU E 44 -7.32 4.03 4.89
N SER E 45 -7.79 3.19 3.99
CA SER E 45 -8.36 1.90 4.33
C SER E 45 -9.45 2.01 5.41
N GLY E 46 -10.06 3.19 5.54
CA GLY E 46 -11.00 3.43 6.64
C GLY E 46 -10.78 4.67 7.48
N SER E 47 -11.66 4.85 8.47
CA SER E 47 -11.98 6.17 9.05
C SER E 47 -10.97 6.75 10.05
N MET E 48 -11.06 8.05 10.21
CA MET E 48 -10.17 8.82 11.06
C MET E 48 -10.90 9.34 12.30
N ALA E 49 -12.16 9.68 12.11
CA ALA E 49 -13.02 10.11 13.21
C ALA E 49 -14.47 9.74 12.92
N VAL E 50 -15.14 9.20 13.90
CA VAL E 50 -16.53 8.81 13.71
C VAL E 50 -17.38 9.04 14.93
N PHE E 51 -18.48 9.76 14.73
CA PHE E 51 -19.47 10.00 15.78
C PHE E 51 -20.78 9.29 15.48
N HIS E 52 -21.47 8.87 16.53
CA HIS E 52 -22.68 8.08 16.40
C HIS E 52 -23.80 8.56 17.28
N GLN E 53 -24.99 8.61 16.71
CA GLN E 53 -26.22 9.05 17.39
C GLN E 53 -26.23 8.73 18.86
N THR E 54 -25.93 7.47 19.18
CA THR E 54 -26.09 6.94 20.52
C THR E 54 -24.76 6.52 21.11
N GLN E 55 -23.94 5.86 20.30
CA GLN E 55 -22.65 5.28 20.76
C GLN E 55 -21.59 6.36 21.04
N GLY E 56 -21.78 7.53 20.45
CA GLY E 56 -20.90 8.65 20.70
C GLY E 56 -19.73 8.67 19.75
N PRO E 57 -18.57 9.18 20.22
CA PRO E 57 -17.46 9.45 19.36
C PRO E 57 -16.47 8.32 19.34
N SER E 58 -15.58 8.37 18.36
CA SER E 58 -14.39 7.49 18.31
C SER E 58 -13.34 8.06 17.37
N TYR E 59 -12.10 8.12 17.83
CA TYR E 59 -11.03 8.76 17.08
C TYR E 59 -9.84 7.83 16.84
N SER E 60 -9.14 8.09 15.75
CA SER E 60 -7.89 7.40 15.44
C SER E 60 -6.86 7.67 16.53
N GLU E 61 -6.41 8.93 16.62
CA GLU E 61 -5.75 9.41 17.83
C GLU E 61 -6.63 10.48 18.49
N SER E 62 -7.12 10.12 19.68
CA SER E 62 -8.15 10.88 20.44
C SER E 62 -7.65 12.24 20.87
N LYS E 63 -6.34 12.32 21.06
CA LYS E 63 -5.69 13.52 21.60
C LYS E 63 -5.66 14.69 20.62
N ARG E 64 -6.04 14.44 19.37
CA ARG E 64 -5.83 15.46 18.33
C ARG E 64 -7.05 15.84 17.52
N LEU E 65 -8.12 15.07 17.64
CA LEU E 65 -9.36 15.36 16.93
C LEU E 65 -10.56 15.46 17.86
N GLU E 66 -11.51 16.32 17.50
CA GLU E 66 -12.68 16.58 18.32
C GLU E 66 -13.85 17.05 17.50
N PHE E 67 -14.97 16.36 17.63
CA PHE E 67 -16.22 16.81 17.00
C PHE E 67 -16.75 18.03 17.72
N VAL E 68 -16.97 19.10 16.98
CA VAL E 68 -17.27 20.41 17.60
C VAL E 68 -18.69 20.42 18.10
N ALA E 69 -19.62 20.05 17.23
CA ALA E 69 -21.04 20.30 17.49
C ALA E 69 -21.78 19.03 17.80
N ALA E 70 -21.41 17.95 17.10
CA ALA E 70 -22.15 16.68 17.22
C ALA E 70 -22.33 16.32 18.65
N ARG E 71 -23.57 16.12 19.05
CA ARG E 71 -23.84 15.82 20.43
C ARG E 71 -24.70 14.61 20.60
N LEU E 72 -24.36 13.84 21.61
CA LEU E 72 -24.97 12.54 21.88
C LEU E 72 -26.45 12.73 22.19
N GLY E 73 -27.26 11.87 21.60
CA GLY E 73 -28.71 11.91 21.81
C GLY E 73 -29.43 12.81 20.81
N ALA E 74 -28.81 13.95 20.47
CA ALA E 74 -29.43 14.94 19.55
C ALA E 74 -29.48 14.42 18.10
N GLU E 75 -30.31 15.07 17.28
CA GLU E 75 -30.39 14.75 15.85
C GLU E 75 -29.22 15.32 15.14
N LEU E 76 -28.44 14.44 14.56
CA LEU E 76 -27.11 14.76 14.03
C LEU E 76 -27.20 15.56 12.73
N ARG E 77 -26.59 16.72 12.71
CA ARG E 77 -26.57 17.54 11.50
C ARG E 77 -25.20 18.14 11.24
N ASN E 78 -24.48 18.41 12.31
CA ASN E 78 -23.26 19.23 12.25
C ASN E 78 -21.99 18.42 12.52
N ALA E 79 -21.42 17.92 11.44
CA ALA E 79 -20.24 17.03 11.50
C ALA E 79 -18.95 17.80 11.77
N SER E 80 -19.07 19.12 11.92
CA SER E 80 -17.90 20.01 12.08
C SER E 80 -16.87 19.40 13.03
N LEU E 81 -15.65 19.30 12.53
CA LEU E 81 -14.56 18.60 13.21
C LEU E 81 -13.35 19.49 13.34
N ARG E 82 -12.91 19.61 14.57
CA ARG E 82 -11.76 20.42 14.92
C ARG E 82 -10.57 19.50 15.13
N MET E 83 -9.48 19.74 14.40
CA MET E 83 -8.22 19.03 14.68
C MET E 83 -7.10 19.96 15.07
N PHE E 84 -6.35 19.55 16.11
CA PHE E 84 -5.32 20.39 16.73
C PHE E 84 -3.96 20.20 16.09
N GLY E 85 -3.08 21.16 16.32
CA GLY E 85 -1.67 21.05 15.99
C GLY E 85 -1.40 20.59 14.58
N LEU E 86 -1.90 21.32 13.61
CA LEU E 86 -1.68 20.98 12.20
C LEU E 86 -0.22 20.94 11.92
N ARG E 87 0.23 19.86 11.33
CA ARG E 87 1.50 19.84 10.65
C ARG E 87 1.34 19.62 9.15
N VAL E 88 2.46 19.73 8.45
CA VAL E 88 2.50 19.63 6.98
C VAL E 88 1.86 18.34 6.51
N GLU E 89 2.11 17.27 7.20
CA GLU E 89 1.57 15.97 6.82
C GLU E 89 0.06 15.88 7.06
N ASP E 90 -0.54 16.98 7.50
CA ASP E 90 -1.99 17.01 7.76
C ASP E 90 -2.75 17.57 6.58
N GLU E 91 -2.02 18.10 5.62
CA GLU E 91 -2.62 18.59 4.40
C GLU E 91 -3.11 17.44 3.60
N GLY E 92 -4.22 17.64 2.92
CA GLY E 92 -4.81 16.58 2.12
C GLY E 92 -6.28 16.75 1.91
N ASN E 93 -6.83 15.86 1.11
CA ASN E 93 -8.26 15.84 0.88
C ASN E 93 -8.93 14.93 1.87
N TYR E 94 -9.87 15.48 2.61
CA TYR E 94 -10.61 14.70 3.60
C TYR E 94 -12.08 14.55 3.17
N THR E 95 -12.62 13.33 3.26
CA THR E 95 -14.07 13.13 3.04
C THR E 95 -14.84 13.18 4.35
N CYS E 96 -16.04 13.76 4.27
CA CYS E 96 -16.97 13.79 5.38
C CYS E 96 -18.24 13.23 4.91
N LEU E 97 -18.68 12.12 5.48
CA LEU E 97 -19.99 11.56 5.10
C LEU E 97 -20.92 11.39 6.25
N PHE E 98 -22.19 11.49 5.92
CA PHE E 98 -23.25 11.22 6.84
C PHE E 98 -23.88 9.90 6.47
N VAL E 99 -24.31 9.16 7.47
CA VAL E 99 -25.06 7.96 7.21
C VAL E 99 -26.50 8.15 7.58
N THR E 100 -27.28 8.50 6.58
CA THR E 100 -28.70 8.77 6.75
C THR E 100 -29.59 7.56 6.49
N PHE E 101 -30.90 7.78 6.64
CA PHE E 101 -31.93 6.81 6.25
C PHE E 101 -33.25 7.52 6.02
N PRO E 102 -33.91 7.23 4.91
CA PRO E 102 -33.66 6.16 3.98
C PRO E 102 -32.93 6.63 2.74
N GLN E 103 -32.31 7.78 2.83
CA GLN E 103 -31.62 8.38 1.66
C GLN E 103 -30.38 7.57 1.28
N GLY E 104 -29.72 7.02 2.29
CA GLY E 104 -28.41 6.42 2.11
C GLY E 104 -27.36 7.28 2.77
N SER E 105 -26.20 7.41 2.12
CA SER E 105 -25.07 8.12 2.72
C SER E 105 -24.54 9.16 1.81
N ARG E 106 -24.59 10.39 2.27
CA ARG E 106 -24.09 11.50 1.47
C ARG E 106 -22.80 12.08 2.03
N SER E 107 -21.84 12.28 1.13
CA SER E 107 -20.50 12.70 1.52
C SER E 107 -19.94 13.73 0.58
N VAL E 108 -19.00 14.52 1.10
CA VAL E 108 -18.36 15.55 0.32
C VAL E 108 -16.88 15.57 0.65
N ASP E 109 -16.08 16.16 -0.24
CA ASP E 109 -14.62 16.23 -0.03
C ASP E 109 -14.16 17.64 0.33
N ILE E 110 -13.31 17.71 1.33
CA ILE E 110 -12.73 18.98 1.78
C ILE E 110 -11.23 18.97 1.55
N TRP E 111 -10.74 19.94 0.79
CA TRP E 111 -9.30 20.20 0.69
C TRP E 111 -8.88 20.97 1.89
N LEU E 112 -8.00 20.37 2.71
CA LEU E 112 -7.43 21.06 3.89
C LEU E 112 -6.09 21.66 3.55
N ARG E 113 -6.11 22.90 3.13
CA ARG E 113 -4.89 23.60 2.75
C ARG E 113 -4.24 24.12 3.99
N VAL E 114 -3.11 23.54 4.34
CA VAL E 114 -2.35 24.03 5.49
C VAL E 114 -1.17 24.90 5.06
N LEU E 115 -1.17 26.10 5.65
CA LEU E 115 -0.26 27.20 5.29
C LEU E 115 0.21 27.96 6.54
N ALA E 116 1.30 28.71 6.40
CA ALA E 116 1.84 29.50 7.50
C ALA E 116 2.05 30.94 7.09
N LEU F 1 -2.10 24.08 5.04
CA LEU F 1 -1.03 25.03 4.74
C LEU F 1 -0.49 25.70 6.03
N ALA F 2 0.70 26.29 5.95
CA ALA F 2 1.30 26.96 7.09
C ALA F 2 1.73 28.36 6.73
N LYS F 3 1.34 29.31 7.57
CA LYS F 3 1.53 30.73 7.29
C LYS F 3 2.93 31.15 7.62
N PRO F 4 3.76 31.40 6.60
CA PRO F 4 5.12 31.79 6.86
C PRO F 4 5.19 33.20 7.24
N GLN F 5 6.25 33.59 7.94
CA GLN F 5 6.56 34.99 8.10
C GLN F 5 7.95 35.31 7.61
N ASN F 6 8.22 36.58 7.34
CA ASN F 6 9.28 36.95 6.40
C ASN F 6 10.14 38.19 6.76
N THR F 7 11.31 38.24 6.17
CA THR F 7 12.28 39.28 6.45
C THR F 7 12.79 39.86 5.19
N ALA F 8 13.33 41.05 5.30
CA ALA F 8 14.23 41.56 4.29
C ALA F 8 15.26 42.42 4.97
N GLU F 9 16.51 42.21 4.58
CA GLU F 9 17.55 43.18 4.87
C GLU F 9 18.17 43.67 3.61
N VAL F 10 18.91 44.75 3.74
CA VAL F 10 19.78 45.22 2.70
C VAL F 10 21.18 44.67 2.94
N GLN F 11 21.76 44.06 1.92
CA GLN F 11 23.21 43.76 1.96
C GLN F 11 23.98 44.96 1.42
N LYS F 12 24.75 45.58 2.30
CA LYS F 12 25.49 46.76 1.92
C LYS F 12 26.54 46.35 0.91
N VAL F 13 26.72 47.15 -0.11
CA VAL F 13 27.61 46.79 -1.19
C VAL F 13 28.65 47.86 -1.44
N GLN F 14 29.85 47.42 -1.75
CA GLN F 14 30.85 48.33 -2.29
C GLN F 14 30.61 48.55 -3.78
N LEU F 15 31.60 49.05 -4.50
CA LEU F 15 31.45 49.33 -5.93
C LEU F 15 32.11 48.28 -6.80
N THR F 16 31.88 47.01 -6.48
CA THR F 16 32.38 45.90 -7.29
C THR F 16 31.89 46.02 -8.74
N GLY F 17 32.65 45.48 -9.67
CA GLY F 17 32.22 45.46 -11.08
C GLY F 17 31.04 44.52 -11.28
N GLU F 18 30.95 43.51 -10.41
CA GLU F 18 30.06 42.35 -10.60
C GLU F 18 28.67 42.62 -10.06
N PRO F 19 27.65 41.97 -10.67
CA PRO F 19 26.34 41.96 -10.08
C PRO F 19 26.36 41.17 -8.81
N VAL F 20 26.10 41.82 -7.69
CA VAL F 20 26.11 41.15 -6.38
C VAL F 20 24.76 41.31 -5.69
N PRO F 21 24.47 40.45 -4.70
CA PRO F 21 23.26 40.61 -3.90
C PRO F 21 23.26 41.92 -3.14
N MET F 22 22.21 42.71 -3.36
CA MET F 22 22.11 44.05 -2.73
C MET F 22 21.00 44.09 -1.70
N ALA F 23 20.03 43.22 -1.87
CA ALA F 23 18.96 43.05 -0.90
C ALA F 23 18.49 41.60 -0.84
N ARG F 24 18.25 41.12 0.37
CA ARG F 24 17.74 39.76 0.60
C ARG F 24 16.32 39.78 1.10
N CYS F 25 15.56 38.78 0.68
CA CYS F 25 14.21 38.53 1.21
C CYS F 25 14.08 37.08 1.58
N VAL F 26 13.34 36.80 2.64
CA VAL F 26 13.25 35.41 3.14
C VAL F 26 11.94 35.15 3.84
N SER F 27 11.17 34.23 3.26
CA SER F 27 9.90 33.78 3.82
C SER F 27 10.04 32.41 4.46
N THR F 28 10.28 32.41 5.76
CA THR F 28 10.56 31.18 6.50
C THR F 28 9.27 30.46 6.92
N GLY F 29 9.24 29.16 6.63
CA GLY F 29 8.22 28.26 7.19
C GLY F 29 6.94 28.21 6.38
N GLY F 30 7.06 28.38 5.06
CA GLY F 30 5.90 28.42 4.16
C GLY F 30 5.33 27.06 3.80
N ARG F 31 4.02 27.03 3.66
CA ARG F 31 3.29 25.86 3.16
C ARG F 31 1.99 26.29 2.55
N PRO F 32 1.87 26.16 1.23
CA PRO F 32 2.93 25.83 0.31
C PRO F 32 3.97 26.93 0.30
N PRO F 33 5.09 26.69 -0.36
CA PRO F 33 6.10 27.73 -0.39
C PRO F 33 5.56 29.05 -0.83
N ALA F 34 6.09 30.12 -0.25
CA ALA F 34 5.71 31.46 -0.65
C ALA F 34 6.26 31.84 -2.04
N GLN F 35 5.63 32.83 -2.65
CA GLN F 35 6.10 33.39 -3.90
C GLN F 35 6.73 34.75 -3.64
N ILE F 36 7.99 34.89 -3.98
CA ILE F 36 8.69 36.16 -3.71
C ILE F 36 9.00 36.86 -4.99
N THR F 37 8.44 38.03 -5.17
CA THR F 37 8.76 38.85 -6.32
C THR F 37 9.31 40.15 -5.87
N TRP F 38 10.07 40.81 -6.73
CA TRP F 38 10.60 42.16 -6.43
C TRP F 38 10.02 43.20 -7.30
N HIS F 39 9.72 44.34 -6.72
CA HIS F 39 9.34 45.49 -7.50
C HIS F 39 10.10 46.67 -7.09
N SER F 40 10.49 47.47 -8.08
CA SER F 40 11.23 48.71 -7.83
C SER F 40 11.45 49.45 -9.10
N ASP F 41 11.91 50.68 -8.97
CA ASP F 41 12.07 51.52 -10.12
C ASP F 41 13.29 51.11 -10.92
N LEU F 42 14.15 50.32 -10.31
CA LEU F 42 15.42 49.97 -10.94
C LEU F 42 15.63 48.47 -10.99
N GLY F 43 14.77 47.77 -11.73
CA GLY F 43 14.69 46.29 -11.66
C GLY F 43 16.04 45.64 -11.89
N GLY F 44 16.32 44.56 -11.18
CA GLY F 44 17.58 43.89 -11.36
C GLY F 44 17.43 42.46 -11.80
N MET F 45 17.96 41.56 -11.01
CA MET F 45 17.96 40.12 -11.33
C MET F 45 17.82 39.27 -10.07
N PRO F 46 16.62 38.76 -9.85
CA PRO F 46 16.36 38.04 -8.61
C PRO F 46 16.73 36.58 -8.74
N ASN F 47 17.48 36.13 -7.75
CA ASN F 47 17.85 34.76 -7.63
C ASN F 47 17.19 34.16 -6.40
N THR F 48 16.34 33.19 -6.65
CA THR F 48 15.52 32.62 -5.60
C THR F 48 15.93 31.18 -5.32
N SER F 49 15.80 30.77 -4.07
CA SER F 49 16.15 29.40 -3.64
C SER F 49 15.42 29.03 -2.37
N GLN F 50 15.37 27.74 -2.07
CA GLN F 50 14.56 27.28 -0.92
C GLN F 50 15.05 25.99 -0.25
N VAL F 51 15.16 26.05 1.07
CA VAL F 51 15.50 24.90 1.90
C VAL F 51 14.22 24.37 2.54
N PRO F 52 14.18 23.09 2.89
CA PRO F 52 13.07 22.65 3.70
C PRO F 52 12.91 23.50 4.93
N GLY F 53 11.68 23.64 5.38
CA GLY F 53 11.38 24.45 6.56
C GLY F 53 11.47 23.67 7.85
N PHE F 54 10.81 24.18 8.88
CA PHE F 54 10.89 23.54 10.20
C PHE F 54 9.96 22.39 10.32
N LEU F 55 8.66 22.68 10.32
CA LEU F 55 7.67 21.61 10.36
C LEU F 55 7.69 20.92 9.02
N SER F 56 7.49 19.60 9.03
CA SER F 56 7.51 18.84 7.79
C SER F 56 6.48 19.43 6.88
N GLY F 57 6.84 19.57 5.62
CA GLY F 57 5.90 20.09 4.62
C GLY F 57 6.05 21.59 4.39
N THR F 58 6.71 22.29 5.29
CA THR F 58 6.99 23.71 5.09
C THR F 58 8.23 23.90 4.26
N VAL F 59 8.35 25.07 3.68
CA VAL F 59 9.54 25.45 2.93
C VAL F 59 9.89 26.91 3.19
N THR F 60 11.16 27.19 3.40
CA THR F 60 11.58 28.58 3.55
C THR F 60 12.29 29.07 2.30
N VAL F 61 11.71 30.07 1.67
CA VAL F 61 12.27 30.61 0.44
C VAL F 61 13.14 31.80 0.75
N THR F 62 14.35 31.78 0.22
CA THR F 62 15.28 32.90 0.35
C THR F 62 15.61 33.44 -1.01
N SER F 63 14.96 34.51 -1.38
CA SER F 63 15.30 35.22 -2.62
C SER F 63 16.20 36.39 -2.34
N LEU F 64 17.22 36.54 -3.18
CA LEU F 64 18.04 37.73 -3.12
C LEU F 64 18.11 38.46 -4.45
N TRP F 65 18.22 39.77 -4.34
CA TRP F 65 18.00 40.71 -5.44
C TRP F 65 19.33 41.21 -5.94
N ILE F 66 19.76 40.67 -7.07
CA ILE F 66 21.14 40.88 -7.52
C ILE F 66 21.22 41.96 -8.59
N LEU F 67 22.15 42.87 -8.41
CA LEU F 67 22.32 44.02 -9.33
C LEU F 67 23.74 44.51 -9.33
N VAL F 68 24.15 45.09 -10.45
CA VAL F 68 25.46 45.72 -10.55
C VAL F 68 25.45 47.06 -9.84
N PRO F 69 26.12 47.16 -8.70
CA PRO F 69 25.96 48.30 -7.81
C PRO F 69 26.43 49.57 -8.44
N SER F 70 25.80 50.68 -8.05
CA SER F 70 26.08 51.98 -8.65
C SER F 70 25.58 53.15 -7.77
N SER F 71 26.43 54.15 -7.63
CA SER F 71 26.21 55.30 -6.71
C SER F 71 24.76 55.74 -6.64
N GLN F 72 24.15 55.95 -7.79
CA GLN F 72 22.84 56.59 -7.84
C GLN F 72 21.71 55.70 -7.30
N VAL F 73 22.01 54.46 -6.95
CA VAL F 73 20.98 53.60 -6.35
C VAL F 73 21.03 53.63 -4.81
N ASP F 74 22.13 54.12 -4.25
CA ASP F 74 22.22 54.24 -2.80
C ASP F 74 21.04 55.02 -2.28
N GLY F 75 20.38 54.51 -1.25
CA GLY F 75 19.23 55.20 -0.60
C GLY F 75 17.94 55.05 -1.38
N LYS F 76 18.01 54.34 -2.50
CA LYS F 76 16.81 54.05 -3.31
C LYS F 76 16.03 52.86 -2.75
N ASN F 77 14.78 52.76 -3.15
CA ASN F 77 13.86 51.80 -2.56
C ASN F 77 13.66 50.55 -3.42
N VAL F 78 13.80 49.42 -2.79
CA VAL F 78 13.49 48.13 -3.43
C VAL F 78 12.48 47.37 -2.57
N THR F 79 11.43 46.87 -3.19
CA THR F 79 10.35 46.22 -2.45
C THR F 79 10.28 44.77 -2.74
N CYS F 80 10.34 43.98 -1.67
CA CYS F 80 10.05 42.58 -1.75
C CYS F 80 8.56 42.33 -1.57
N LYS F 81 7.99 41.57 -2.49
CA LYS F 81 6.60 41.12 -2.37
C LYS F 81 6.54 39.64 -2.04
N VAL F 82 6.11 39.34 -0.84
CA VAL F 82 5.88 37.94 -0.42
C VAL F 82 4.42 37.61 -0.53
N GLU F 83 4.10 36.75 -1.46
CA GLU F 83 2.72 36.38 -1.72
C GLU F 83 2.46 34.98 -1.24
N HIS F 84 1.32 34.79 -0.61
CA HIS F 84 0.97 33.50 -0.05
C HIS F 84 -0.48 33.38 0.16
N GLU F 85 -1.01 32.18 -0.02
CA GLU F 85 -2.46 32.01 -0.04
C GLU F 85 -3.07 32.03 1.36
N SER F 86 -2.29 32.47 2.34
CA SER F 86 -2.76 32.44 3.74
C SER F 86 -2.79 33.83 4.30
N PHE F 87 -2.16 34.74 3.58
CA PHE F 87 -2.10 36.13 3.99
C PHE F 87 -3.40 36.79 3.68
N GLU F 88 -3.67 37.89 4.37
CA GLU F 88 -4.83 38.71 4.04
C GLU F 88 -4.60 39.32 2.69
N LYS F 89 -3.36 39.73 2.46
CA LYS F 89 -2.98 40.28 1.18
C LYS F 89 -1.49 40.08 0.97
N PRO F 90 -1.05 40.05 -0.30
CA PRO F 90 0.37 40.03 -0.53
C PRO F 90 1.04 41.01 0.39
N GLN F 91 2.00 40.50 1.14
CA GLN F 91 2.65 41.29 2.16
C GLN F 91 3.94 41.91 1.63
N LEU F 92 4.07 43.21 1.83
CA LEU F 92 5.09 43.98 1.16
C LEU F 92 6.19 44.40 2.12
N LEU F 93 7.41 44.01 1.78
CA LEU F 93 8.58 44.33 2.57
C LEU F 93 9.53 45.17 1.76
N THR F 94 9.99 46.25 2.34
CA THR F 94 10.73 47.23 1.56
C THR F 94 12.10 47.59 2.17
N VAL F 95 13.14 47.51 1.35
CA VAL F 95 14.52 47.77 1.82
C VAL F 95 15.11 49.07 1.31
N ASN F 96 15.95 49.66 2.15
CA ASN F 96 16.64 50.91 1.80
C ASN F 96 18.03 50.60 1.29
N LEU F 97 18.16 50.52 -0.02
CA LEU F 97 19.44 50.14 -0.63
C LEU F 97 20.61 50.92 -0.03
N THR F 98 21.77 50.29 0.01
CA THR F 98 22.99 50.95 0.48
C THR F 98 24.21 50.61 -0.36
N VAL F 99 24.82 51.64 -0.91
CA VAL F 99 26.03 51.53 -1.69
C VAL F 99 27.03 52.53 -1.18
N TYR F 100 28.20 52.07 -0.83
CA TYR F 100 29.29 52.96 -0.46
C TYR F 100 30.11 53.34 -1.69
N TYR F 101 30.48 54.60 -1.79
CA TYR F 101 31.22 55.09 -2.96
C TYR F 101 32.01 56.38 -2.71
N PRO F 102 33.02 56.65 -3.56
CA PRO F 102 33.80 57.84 -3.42
C PRO F 102 32.98 59.04 -3.84
N TYR G 1 30.08 56.72 -0.65
CA TYR G 1 30.82 57.06 -1.86
C TYR G 1 31.67 58.35 -1.74
N PRO G 2 32.67 58.50 -2.61
CA PRO G 2 33.51 59.67 -2.58
C PRO G 2 32.73 60.85 -3.10
N PRO G 3 33.20 62.09 -2.81
CA PRO G 3 32.45 63.28 -3.18
C PRO G 3 32.27 63.41 -4.67
N GLU G 4 31.05 63.76 -5.07
CA GLU G 4 30.76 64.19 -6.42
C GLU G 4 30.58 65.70 -6.44
N VAL G 5 31.51 66.39 -7.10
CA VAL G 5 31.65 67.85 -6.93
C VAL G 5 31.35 68.63 -8.20
N SER G 6 30.61 69.72 -8.02
CA SER G 6 30.51 70.76 -9.04
C SER G 6 30.34 72.15 -8.40
N ILE G 7 30.54 73.18 -9.21
CA ILE G 7 30.53 74.57 -8.74
C ILE G 7 29.49 75.40 -9.46
N SER G 8 28.55 75.92 -8.70
CA SER G 8 27.52 76.80 -9.27
C SER G 8 27.67 78.19 -8.72
N GLY G 9 27.15 79.16 -9.46
CA GLY G 9 27.21 80.58 -9.06
C GLY G 9 27.62 81.51 -10.16
N TYR G 10 27.99 80.95 -11.31
CA TYR G 10 28.56 81.74 -12.40
C TYR G 10 27.62 81.83 -13.62
N ASP G 11 27.12 83.04 -13.88
CA ASP G 11 26.55 83.39 -15.20
C ASP G 11 27.57 84.20 -15.97
N ASN G 12 27.88 83.77 -17.19
CA ASN G 12 29.07 84.30 -17.93
C ASN G 12 29.25 85.83 -17.93
N ASN G 13 28.21 86.54 -17.54
CA ASN G 13 28.23 88.01 -17.59
C ASN G 13 28.62 88.61 -16.24
N TRP G 14 29.81 88.27 -15.78
CA TRP G 14 30.45 89.00 -14.70
C TRP G 14 31.25 90.09 -15.30
N TYR G 15 31.12 91.29 -14.75
CA TYR G 15 31.84 92.46 -15.25
C TYR G 15 32.61 93.19 -14.17
N LEU G 16 33.49 94.07 -14.63
CA LEU G 16 34.29 94.90 -13.74
C LEU G 16 33.38 95.71 -12.84
N GLY G 17 33.74 95.77 -11.57
CA GLY G 17 33.09 96.68 -10.62
C GLY G 17 31.70 96.26 -10.19
N GLN G 18 31.37 95.00 -10.42
CA GLN G 18 30.10 94.42 -9.96
C GLN G 18 30.10 94.25 -8.45
N ASN G 19 28.97 93.81 -7.91
CA ASN G 19 28.87 93.54 -6.47
C ASN G 19 29.31 92.12 -6.10
N GLU G 20 29.60 91.91 -4.83
CA GLU G 20 30.17 90.65 -4.41
C GLU G 20 29.26 89.50 -4.81
N ALA G 21 29.65 88.77 -5.84
CA ALA G 21 28.99 87.51 -6.16
C ALA G 21 29.74 86.34 -5.51
N THR G 22 28.98 85.33 -5.09
CA THR G 22 29.55 84.22 -4.32
C THR G 22 29.16 82.89 -4.92
N LEU G 23 30.15 82.03 -5.17
CA LEU G 23 29.88 80.67 -5.70
C LEU G 23 29.85 79.62 -4.61
N THR G 24 28.97 78.65 -4.78
CA THR G 24 28.93 77.48 -3.92
C THR G 24 29.67 76.33 -4.56
N CYS G 25 30.32 75.55 -3.70
CA CYS G 25 30.86 74.26 -4.11
C CYS G 25 29.90 73.18 -3.69
N ASP G 26 28.93 72.90 -4.54
CA ASP G 26 27.98 71.83 -4.29
C ASP G 26 28.75 70.52 -4.35
N ALA G 27 28.59 69.70 -3.31
CA ALA G 27 29.13 68.34 -3.33
C ALA G 27 28.21 67.41 -2.58
N ARG G 28 27.88 66.30 -3.19
CA ARG G 28 27.06 65.27 -2.53
C ARG G 28 27.86 64.00 -2.37
N SER G 29 28.08 63.64 -1.12
CA SER G 29 28.90 62.48 -0.75
C SER G 29 28.24 61.73 0.39
N ASN G 30 28.72 60.52 0.66
CA ASN G 30 28.33 59.81 1.88
C ASN G 30 29.52 59.09 2.45
N PRO G 31 29.83 59.32 3.72
CA PRO G 31 29.11 60.28 4.53
C PRO G 31 29.51 61.72 4.23
N GLU G 32 28.80 62.66 4.87
CA GLU G 32 28.93 64.08 4.58
C GLU G 32 30.40 64.46 4.52
N PRO G 33 30.75 65.35 3.60
CA PRO G 33 32.14 65.77 3.44
C PRO G 33 32.73 66.40 4.70
N THR G 34 34.01 66.13 4.95
CA THR G 34 34.66 66.63 6.17
C THR G 34 35.46 67.91 5.90
N GLY G 35 36.03 68.02 4.70
CA GLY G 35 36.89 69.15 4.34
C GLY G 35 36.60 69.75 2.97
N TYR G 36 36.53 71.07 2.93
CA TYR G 36 36.50 71.81 1.67
C TYR G 36 37.80 72.57 1.50
N ASN G 37 38.35 72.52 0.29
CA ASN G 37 39.55 73.31 -0.04
C ASN G 37 39.50 74.03 -1.38
N TRP G 38 39.70 75.34 -1.30
CA TRP G 38 39.63 76.21 -2.47
C TRP G 38 41.00 76.56 -2.99
N SER G 39 41.26 76.23 -4.25
CA SER G 39 42.49 76.72 -4.93
C SER G 39 42.25 76.99 -6.41
N THR G 40 43.28 77.55 -7.05
CA THR G 40 43.25 77.85 -8.48
C THR G 40 44.15 76.91 -9.29
N THR G 41 43.87 76.85 -10.59
CA THR G 41 44.71 76.12 -11.55
C THR G 41 46.13 76.66 -11.57
N MET G 42 46.34 77.78 -10.91
CA MET G 42 47.65 78.44 -10.91
C MET G 42 48.35 78.28 -9.57
N GLY G 43 47.68 77.64 -8.63
CA GLY G 43 48.22 77.45 -7.27
C GLY G 43 47.39 78.15 -6.21
N PRO G 44 47.84 79.33 -5.78
CA PRO G 44 47.13 80.06 -4.74
C PRO G 44 46.00 80.88 -5.31
N LEU G 45 44.91 80.97 -4.54
CA LEU G 45 43.74 81.80 -4.90
C LEU G 45 44.16 83.25 -5.15
N PRO G 46 43.60 83.86 -6.20
CA PRO G 46 43.85 85.27 -6.46
C PRO G 46 43.25 86.14 -5.37
N PRO G 47 43.87 87.30 -5.10
CA PRO G 47 43.46 88.08 -3.94
C PRO G 47 41.96 88.35 -3.91
N PHE G 48 41.37 88.53 -5.07
CA PHE G 48 39.96 88.98 -5.19
C PHE G 48 38.99 87.90 -4.79
N ALA G 49 39.44 86.65 -4.79
CA ALA G 49 38.59 85.50 -4.47
C ALA G 49 38.91 84.95 -3.10
N VAL G 50 38.15 85.38 -2.11
CA VAL G 50 38.35 84.93 -0.73
C VAL G 50 37.47 83.73 -0.40
N ALA G 51 38.11 82.63 -0.02
CA ALA G 51 37.40 81.40 0.32
C ALA G 51 36.65 81.53 1.63
N GLN G 52 35.41 81.06 1.62
CA GLN G 52 34.58 80.99 2.81
C GLN G 52 33.98 79.61 2.95
N GLY G 53 34.64 78.76 3.71
CA GLY G 53 34.18 77.42 3.89
C GLY G 53 33.89 76.76 2.56
N ALA G 54 32.64 76.35 2.37
CA ALA G 54 32.26 75.60 1.17
C ALA G 54 31.88 76.52 0.02
N GLN G 55 32.19 77.82 0.18
CA GLN G 55 31.87 78.84 -0.83
C GLN G 55 33.04 79.78 -1.12
N LEU G 56 33.02 80.36 -2.31
CA LEU G 56 34.04 81.34 -2.73
C LEU G 56 33.42 82.69 -3.03
N LEU G 57 33.80 83.68 -2.23
CA LEU G 57 33.35 85.07 -2.42
C LEU G 57 34.21 85.79 -3.48
N ILE G 58 33.54 86.31 -4.50
CA ILE G 58 34.23 86.94 -5.63
C ILE G 58 34.04 88.43 -5.63
N ARG G 59 35.07 89.12 -5.20
CA ARG G 59 35.02 90.54 -4.99
C ARG G 59 34.97 91.29 -6.31
N PRO G 60 34.76 92.61 -6.23
CA PRO G 60 34.85 93.44 -7.41
C PRO G 60 36.26 93.44 -7.95
N VAL G 61 36.36 93.51 -9.27
CA VAL G 61 37.67 93.52 -9.91
C VAL G 61 37.97 94.85 -10.55
N ASP G 62 39.20 95.30 -10.38
CA ASP G 62 39.64 96.55 -10.98
C ASP G 62 39.97 96.33 -12.46
N LYS G 63 40.65 95.23 -12.75
CA LYS G 63 41.06 94.88 -14.13
C LYS G 63 40.69 93.44 -14.47
N PRO G 64 40.36 93.16 -15.74
CA PRO G 64 39.89 91.83 -16.16
C PRO G 64 40.85 90.69 -15.80
N ILE G 65 40.27 89.60 -15.27
CA ILE G 65 41.04 88.40 -14.87
C ILE G 65 40.42 87.12 -15.41
N ASN G 66 41.28 86.14 -15.67
CA ASN G 66 40.88 84.72 -15.75
C ASN G 66 41.57 83.91 -14.69
N THR G 67 40.78 83.09 -14.02
CA THR G 67 41.30 81.94 -13.29
C THR G 67 40.35 80.76 -13.44
N THR G 68 40.93 79.59 -13.63
CA THR G 68 40.19 78.36 -13.49
C THR G 68 40.28 77.91 -12.06
N LEU G 69 39.12 77.64 -11.47
CA LEU G 69 39.05 77.38 -10.02
C LEU G 69 38.88 75.89 -9.70
N ILE G 70 39.50 75.49 -8.60
CA ILE G 70 39.51 74.10 -8.17
C ILE G 70 38.92 73.97 -6.76
N CYS G 71 37.80 73.26 -6.65
CA CYS G 71 37.26 72.88 -5.35
C CYS G 71 37.64 71.47 -5.03
N ASN G 72 38.59 71.32 -4.10
CA ASN G 72 39.04 70.01 -3.61
C ASN G 72 38.29 69.62 -2.33
N VAL G 73 37.36 68.68 -2.48
CA VAL G 73 36.48 68.25 -1.37
C VAL G 73 36.97 66.92 -0.79
N THR G 74 37.29 66.96 0.50
CA THR G 74 37.66 65.76 1.27
C THR G 74 36.48 65.26 2.09
N ASN G 75 36.07 64.04 1.82
CA ASN G 75 35.14 63.34 2.72
C ASN G 75 35.78 62.09 3.30
N ALA G 76 35.07 61.43 4.22
CA ALA G 76 35.65 60.36 5.01
C ALA G 76 36.28 59.24 4.13
N LEU G 77 35.91 59.18 2.85
CA LEU G 77 36.30 58.05 1.99
C LEU G 77 37.44 58.41 1.06
N GLY G 78 37.40 59.62 0.53
CA GLY G 78 38.47 60.11 -0.36
C GLY G 78 38.39 61.61 -0.58
N ALA G 79 39.06 62.09 -1.63
CA ALA G 79 39.03 63.52 -1.98
C ALA G 79 38.91 63.70 -3.48
N ARG G 80 37.87 64.39 -3.90
CA ARG G 80 37.65 64.67 -5.32
C ARG G 80 37.63 66.16 -5.57
N GLN G 81 37.53 66.56 -6.82
CA GLN G 81 37.55 67.99 -7.19
C GLN G 81 36.78 68.31 -8.45
N ALA G 82 36.43 69.58 -8.58
CA ALA G 82 35.81 70.08 -9.80
C ALA G 82 36.44 71.39 -10.31
N GLU G 83 36.33 71.59 -11.61
CA GLU G 83 36.97 72.69 -12.32
C GLU G 83 35.94 73.78 -12.68
N LEU G 84 36.42 75.01 -12.87
CA LEU G 84 35.57 76.09 -13.47
C LEU G 84 36.40 77.31 -13.90
N THR G 85 36.47 77.54 -15.21
CA THR G 85 37.01 78.80 -15.73
C THR G 85 35.98 79.90 -15.57
N VAL G 86 36.42 81.05 -15.10
CA VAL G 86 35.52 82.17 -14.85
C VAL G 86 36.14 83.48 -15.34
N GLN G 87 35.34 84.26 -16.05
CA GLN G 87 35.82 85.48 -16.72
C GLN G 87 35.13 86.72 -16.21
N VAL G 88 35.90 87.80 -16.10
CA VAL G 88 35.38 89.12 -15.76
C VAL G 88 35.84 90.17 -16.78
N LYS G 89 34.89 90.69 -17.57
CA LYS G 89 35.20 91.68 -18.63
C LYS G 89 34.45 92.99 -18.39
N GLU G 90 34.50 93.88 -19.38
CA GLU G 90 33.86 95.19 -19.26
C GLU G 90 32.50 95.25 -19.96
N GLY G 91 32.48 94.87 -21.24
CA GLY G 91 31.25 94.92 -22.04
C GLY G 91 30.50 96.26 -21.94
N PRO G 92 29.22 96.22 -21.52
CA PRO G 92 28.39 97.43 -21.38
C PRO G 92 28.80 98.33 -20.20
C1 NAG H . -21.97 23.85 13.07
C2 NAG H . -22.28 25.25 12.52
C3 NAG H . -21.11 26.25 12.71
C4 NAG H . -20.44 26.08 14.07
C5 NAG H . -20.18 24.62 14.39
C6 NAG H . -19.61 24.47 15.81
C7 NAG H . -23.79 25.35 10.58
C8 NAG H . -23.89 25.24 9.08
N2 NAG H . -22.57 25.15 11.09
O3 NAG H . -21.52 27.61 12.59
O4 NAG H . -19.21 26.76 14.05
O5 NAG H . -21.39 23.94 14.34
O6 NAG H . -20.60 24.81 16.79
O7 NAG H . -24.79 25.58 11.27
C1 NAG H . -18.94 27.94 14.91
C2 NAG H . -18.65 29.06 13.90
C3 NAG H . -18.37 30.38 14.60
C4 NAG H . -19.33 30.65 15.74
C5 NAG H . -19.60 29.42 16.61
C6 NAG H . -20.68 29.71 17.66
C7 NAG H . -17.59 28.38 11.76
C8 NAG H . -16.31 27.99 11.07
N2 NAG H . -17.50 28.65 13.08
O3 NAG H . -18.44 31.46 13.69
O4 NAG H . -18.75 31.66 16.53
O5 NAG H . -19.96 28.30 15.82
O6 NAG H . -21.94 29.80 17.03
O7 NAG H . -18.64 28.48 11.12
C1 BMA H . -19.40 32.56 17.09
C2 BMA H . -19.12 33.07 18.50
C3 BMA H . -17.61 32.95 18.76
C4 BMA H . -16.86 33.51 17.54
C5 BMA H . -17.78 34.31 16.62
C6 BMA H . -16.94 34.89 15.46
O2 BMA H . -19.90 32.33 19.47
O3 BMA H . -17.25 31.58 18.96
O4 BMA H . -15.76 34.35 17.96
O5 BMA H . -18.87 33.51 16.13
O6 BMA H . -17.73 35.04 14.29
C1 NAG I . -7.80 17.86 -2.80
C2 NAG I . -6.35 17.63 -3.10
C3 NAG I . -6.01 18.38 -4.36
C4 NAG I . -7.09 18.29 -5.44
C5 NAG I . -8.52 18.54 -4.91
C6 NAG I . -9.76 18.40 -5.84
C7 NAG I . -4.26 17.92 -1.81
C8 NAG I . -3.61 18.59 -0.64
N2 NAG I . -5.58 18.17 -1.98
O3 NAG I . -4.82 17.89 -4.88
O4 NAG I . -6.71 19.29 -6.33
O5 NAG I . -8.74 17.68 -3.82
O6 NAG I . -9.73 17.75 -7.07
O7 NAG I . -3.61 17.19 -2.53
C1 NAG I . -6.68 18.78 -7.71
C2 NAG I . -6.86 20.04 -8.58
C3 NAG I . -6.19 20.00 -9.96
C4 NAG I . -5.17 18.85 -10.18
C5 NAG I . -5.60 17.62 -9.41
C6 NAG I . -4.70 16.42 -9.67
C7 NAG I . -8.90 21.34 -8.22
C8 NAG I . -10.39 21.43 -8.42
N2 NAG I . -8.29 20.26 -8.73
O3 NAG I . -5.57 21.26 -10.15
O4 NAG I . -5.01 18.49 -11.56
O5 NAG I . -5.54 18.00 -8.06
O6 NAG I . -3.55 16.54 -8.86
O7 NAG I . -8.29 22.22 -7.60
C1 BMA I . -4.29 19.49 -12.29
C2 BMA I . -3.48 18.93 -13.45
C3 BMA I . -2.74 20.04 -14.18
C4 BMA I . -3.68 21.19 -14.52
C5 BMA I . -4.48 21.62 -13.29
C6 BMA I . -5.47 22.72 -13.65
O2 BMA I . -4.35 18.25 -14.35
O3 BMA I . -2.18 19.51 -15.39
O4 BMA I . -2.92 22.30 -15.01
O5 BMA I . -5.18 20.50 -12.77
O6 BMA I . -6.46 22.80 -12.62
C1 MAN I . -0.91 18.96 -15.24
C2 MAN I . -0.19 18.78 -16.57
C3 MAN I . -0.82 17.68 -17.39
C4 MAN I . -1.06 16.42 -16.55
C5 MAN I . -1.72 16.78 -15.23
C6 MAN I . -1.88 15.54 -14.35
O2 MAN I . 1.17 18.45 -16.33
O3 MAN I . 0.00 17.35 -18.49
O4 MAN I . -1.88 15.53 -17.26
O5 MAN I . -0.94 17.74 -14.55
O6 MAN I . -2.73 15.84 -13.26
C1 FUC I . -9.98 16.34 -6.83
C2 FUC I . -9.91 15.35 -8.01
C3 FUC I . -8.43 15.06 -8.33
C4 FUC I . -7.80 14.37 -7.12
C5 FUC I . -8.05 15.27 -5.88
C6 FUC I . -7.50 14.62 -4.61
O2 FUC I . -10.64 15.88 -9.10
O3 FUC I . -8.22 14.28 -9.51
O4 FUC I . -8.39 13.09 -6.87
O5 FUC I . -9.46 15.60 -5.69
C1 NAG J . 21.01 31.67 -8.84
C2 NAG J . 21.54 31.01 -10.10
C3 NAG J . 22.61 29.94 -9.83
C4 NAG J . 23.43 30.07 -8.52
C5 NAG J . 22.61 30.62 -7.38
C6 NAG J . 23.50 30.90 -6.14
C7 NAG J . 19.92 30.89 -12.00
C8 NAG J . 18.77 30.12 -12.62
N2 NAG J . 20.42 30.40 -10.86
O3 NAG J . 23.50 29.89 -10.95
O4 NAG J . 23.89 28.79 -8.12
O5 NAG J . 22.05 31.82 -7.86
O6 NAG J . 24.44 31.94 -6.35
O7 NAG J . 20.37 31.90 -12.55
C1 NAG J . 25.31 28.74 -8.67
C2 NAG J . 26.35 28.09 -7.75
C3 NAG J . 27.67 27.83 -8.50
C4 NAG J . 27.48 27.38 -9.97
C5 NAG J . 26.42 28.26 -10.68
C6 NAG J . 26.22 27.90 -12.15
C7 NAG J . 26.22 28.64 -5.32
C8 NAG J . 26.53 29.65 -4.23
N2 NAG J . 26.59 28.96 -6.58
O3 NAG J . 28.43 26.86 -7.78
O4 NAG J . 28.70 27.42 -10.67
O5 NAG J . 25.23 28.11 -9.94
O6 NAG J . 25.46 26.72 -12.28
O7 NAG J . 25.65 27.58 -5.04
C1 NAG K . 10.84 54.17 0.76
C2 NAG K . 9.59 54.99 0.39
C3 NAG K . 8.86 55.50 1.66
C4 NAG K . 8.75 54.42 2.74
C5 NAG K . 10.09 53.74 2.93
C6 NAG K . 10.01 52.62 3.97
C7 NAG K . 10.30 55.89 -1.81
C8 NAG K . 10.66 57.10 -2.63
N2 NAG K . 9.96 56.09 -0.51
O3 NAG K . 7.58 55.97 1.31
O4 NAG K . 8.34 54.97 4.00
O5 NAG K . 10.47 53.18 1.70
O6 NAG K . 11.29 52.06 4.18
O7 NAG K . 10.31 54.78 -2.36
C1 NAG K . 6.97 54.76 4.45
C2 NAG K . 6.84 54.71 5.97
C3 NAG K . 5.35 54.81 6.34
C4 NAG K . 4.70 56.04 5.66
C5 NAG K . 5.01 56.11 4.15
C6 NAG K . 4.50 57.43 3.55
C7 NAG K . 8.40 53.53 7.51
C8 NAG K . 9.00 52.22 7.96
N2 NAG K . 7.49 53.50 6.51
O3 NAG K . 5.20 54.86 7.76
O4 NAG K . 3.28 56.04 5.77
O5 NAG K . 6.41 55.96 3.91
O6 NAG K . 4.99 57.57 2.23
O7 NAG K . 8.76 54.57 8.05
C1 NAG L . 16.90 55.45 2.91
C2 NAG L . 16.18 56.72 2.50
C3 NAG L . 17.06 57.95 2.75
C4 NAG L . 17.64 57.94 4.16
C5 NAG L . 18.29 56.60 4.48
C6 NAG L . 18.76 56.65 5.95
C7 NAG L . 14.64 56.18 0.63
C8 NAG L . 14.45 56.16 -0.89
N2 NAG L . 15.83 56.65 1.08
O3 NAG L . 16.28 59.13 2.57
O4 NAG L . 18.58 58.99 4.35
O5 NAG L . 17.39 55.55 4.24
O6 NAG L . 19.32 55.47 6.44
O7 NAG L . 13.75 55.75 1.38
C1 NAG L . 18.17 60.19 5.09
C2 NAG L . 19.28 60.88 5.87
C3 NAG L . 18.77 62.18 6.48
C4 NAG L . 17.94 63.02 5.51
C5 NAG L . 16.98 62.18 4.65
C6 NAG L . 16.33 63.09 3.59
C7 NAG L . 21.08 59.85 7.24
C8 NAG L . 21.42 58.93 8.38
N2 NAG L . 19.78 60.01 6.94
O3 NAG L . 19.84 62.98 6.99
O4 NAG L . 17.10 63.86 6.30
O5 NAG L . 17.63 61.05 4.08
O6 NAG L . 15.72 62.29 2.61
O7 NAG L . 21.98 60.43 6.62
C1 BMA L . 17.30 65.30 6.33
C2 BMA L . 15.97 65.87 6.80
C3 BMA L . 16.12 67.30 7.30
C4 BMA L . 17.29 67.41 8.28
C5 BMA L . 18.54 66.75 7.72
C6 BMA L . 19.68 66.79 8.73
O2 BMA L . 15.44 65.05 7.85
O3 BMA L . 14.91 67.72 7.94
O4 BMA L . 17.55 68.78 8.56
O5 BMA L . 18.25 65.39 7.38
O6 BMA L . 20.91 66.41 8.09
C1 NAG M . 41.29 85.83 -20.12
C2 NAG M . 42.20 87.02 -20.40
C3 NAG M . 41.97 87.57 -21.81
C4 NAG M . 41.95 86.44 -22.83
C5 NAG M . 41.06 85.29 -22.38
C6 NAG M . 41.10 84.14 -23.37
C7 NAG M . 42.73 89.16 -19.39
C8 NAG M . 42.05 90.44 -19.76
N2 NAG M . 41.99 88.06 -19.42
O3 NAG M . 42.99 88.48 -22.13
O4 NAG M . 41.48 86.94 -24.06
O5 NAG M . 41.47 84.85 -21.11
O6 NAG M . 40.32 83.06 -22.87
O7 NAG M . 43.92 89.15 -19.09
C1 NAG M . 41.95 86.05 -25.15
C2 NAG M . 40.89 86.12 -26.25
C3 NAG M . 41.34 85.27 -27.45
C4 NAG M . 42.73 85.79 -27.90
C5 NAG M . 43.73 85.75 -26.74
C6 NAG M . 45.06 86.37 -27.16
C7 NAG M . 38.48 86.43 -25.99
C8 NAG M . 37.16 85.93 -25.46
N2 NAG M . 39.58 85.70 -25.75
O3 NAG M . 40.37 85.38 -28.49
O4 NAG M . 43.29 85.08 -29.01
O5 NAG M . 43.24 86.47 -25.61
O6 NAG M . 45.93 86.38 -26.04
O7 NAG M . 38.52 87.46 -26.66
C1 BMA M . 42.61 85.38 -30.22
C2 BMA M . 43.18 86.28 -31.30
C3 BMA M . 42.14 86.56 -32.37
C4 BMA M . 41.48 85.27 -32.86
C5 BMA M . 41.01 84.43 -31.67
C6 BMA M . 40.43 83.09 -32.13
O2 BMA M . 44.33 85.66 -31.90
O3 BMA M . 42.75 87.22 -33.49
O4 BMA M . 40.36 85.58 -33.69
O5 BMA M . 42.12 84.17 -30.80
O6 BMA M . 40.03 82.32 -31.00
C1 FUC M . 40.52 81.88 -23.65
C2 FUC M . 41.85 81.75 -24.42
C3 FUC M . 42.95 81.52 -23.37
C4 FUC M . 42.66 80.22 -22.59
C5 FUC M . 41.23 80.27 -21.99
C6 FUC M . 40.83 78.98 -21.28
O2 FUC M . 42.13 82.88 -25.22
O3 FUC M . 44.24 81.53 -23.96
O4 FUC M . 42.78 79.09 -23.43
O5 FUC M . 40.26 80.62 -23.00
C1 PLM N . -9.14 -17.88 -14.37
O1 PLM N . -8.53 -16.90 -13.88
O2 PLM N . -8.52 -18.92 -14.70
C2 PLM N . -10.66 -17.81 -14.64
C3 PLM N . -11.64 -18.53 -13.67
C4 PLM N . -13.12 -18.43 -14.20
C5 PLM N . -13.23 -19.12 -15.55
C6 PLM N . -14.63 -19.03 -16.21
C7 PLM N . -14.66 -20.04 -17.40
C8 PLM N . -15.80 -19.67 -18.37
C9 PLM N . -16.21 -20.81 -19.29
CA PLM N . -17.40 -20.45 -20.21
CB PLM N . -18.79 -20.21 -19.60
CC PLM N . -19.83 -20.18 -20.74
CD PLM N . -21.23 -19.69 -20.36
CE PLM N . -22.22 -19.97 -21.50
CF PLM N . -23.57 -19.27 -21.37
CG PLM N . -24.57 -19.55 -22.54
C1 NAG O . 43.03 67.45 -1.84
C2 NAG O . 44.43 67.08 -2.42
C3 NAG O . 45.13 65.95 -1.58
C4 NAG O . 45.20 66.41 -0.10
C5 NAG O . 43.74 66.60 0.39
C6 NAG O . 43.62 66.91 1.91
C7 NAG O . 44.57 67.59 -4.84
C8 NAG O . 44.61 67.02 -6.23
N2 NAG O . 44.41 66.70 -3.83
O3 NAG O . 46.40 65.59 -2.09
O4 NAG O . 45.95 65.48 0.71
O5 NAG O . 43.13 67.65 -0.39
O6 NAG O . 44.70 67.70 2.37
O7 NAG O . 44.64 68.81 -4.64
#